data_1XEY
#
_entry.id   1XEY
#
_cell.length_a   117.100
_cell.length_b   117.100
_cell.length_c   196.400
_cell.angle_alpha   90.00
_cell.angle_beta   90.00
_cell.angle_gamma   120.00
#
_symmetry.space_group_name_H-M   'H 3'
#
loop_
_entity.id
_entity.type
_entity.pdbx_description
1 polymer 'Glutamate decarboxylase alpha'
2 non-polymer 'ACETATE ION'
3 non-polymer "PYRIDOXAL-5'-PHOSPHATE"
4 non-polymer 'GLUTARIC ACID'
5 water water
#
_entity_poly.entity_id   1
_entity_poly.type   'polypeptide(L)'
_entity_poly.pdbx_seq_one_letter_code
;MDQKLLTDFRSELLDSRFGAKAISTIAESKRFPLHEMRDDVAFQIINDELYLDGNARQNLATFCQTWDDENVHKLMDLSI
NKNWIDKEEYPQSAAIDLRCVNMVADLWHAPAPKNGQAVGTNTIGSSEACMLGGMAMKWRWRKRMEAAGKPTDKPNLVCG
PVQICWHKFARYWDVELREIPMRPGQLFMDPKRMIEACDENTIGVVPTFGVTYTGNYEFPQPLHDALDKFQADTGIDIDM
HIDAASGGFLAPFVAPDIVWDFRLPRVKSISASGHKFGLAPLGCGWVIWRDEEALPQELVFNVDYLGGQIGTFAINFSRP
AGQVIAQYYEFLRLGREGYTKVQNASYQVAAYLADEIAKLGPYEFICTGRPDEGIPAVCFKLKDGEDPGYTLYDLSERLR
LRGWQVPAFTLGGEATDIVVMRIMCRRGFEMDFAELLLEDYKASLKYLSDHPKLQGIAQQNSFKHT
;
_entity_poly.pdbx_strand_id   A,B
#
# COMPACT_ATOMS: atom_id res chain seq x y z
N LYS A 4 -19.84 37.24 28.54
CA LYS A 4 -19.06 36.24 29.34
C LYS A 4 -18.37 35.17 28.44
N LEU A 5 -19.17 34.40 27.69
CA LEU A 5 -18.64 33.53 26.65
C LEU A 5 -18.54 34.28 25.30
N LEU A 6 -19.10 35.49 25.26
CA LEU A 6 -19.02 36.35 24.08
C LEU A 6 -17.59 36.90 23.89
N THR A 7 -16.90 37.23 24.98
CA THR A 7 -15.50 37.66 24.85
C THR A 7 -14.54 36.51 24.45
N ASP A 8 -14.94 35.27 24.75
CA ASP A 8 -14.21 34.07 24.30
C ASP A 8 -14.36 33.88 22.79
N PHE A 9 -15.58 34.06 22.26
CA PHE A 9 -15.82 33.94 20.82
C PHE A 9 -15.06 35.03 20.05
N ARG A 10 -15.12 36.27 20.55
CA ARG A 10 -14.41 37.39 19.94
C ARG A 10 -12.91 37.08 19.78
N SER A 11 -12.31 36.54 20.84
CA SER A 11 -10.90 36.15 20.83
C SER A 11 -10.63 34.98 19.87
N GLU A 12 -11.52 34.02 19.84
CA GLU A 12 -11.41 32.93 18.88
C GLU A 12 -11.39 33.44 17.45
N LEU A 13 -12.12 34.51 17.17
CA LEU A 13 -12.10 35.08 15.83
C LEU A 13 -10.82 35.89 15.55
N LEU A 14 -10.39 36.70 16.53
CA LEU A 14 -9.38 37.73 16.28
C LEU A 14 -7.91 37.35 16.62
N ASP A 15 -7.69 36.47 17.59
CA ASP A 15 -6.34 36.12 18.05
C ASP A 15 -5.46 35.54 16.94
N SER A 16 -4.19 35.91 17.01
CA SER A 16 -3.18 35.36 16.16
C SER A 16 -3.04 33.93 16.64
N ARG A 17 -2.46 33.06 15.82
CA ARG A 17 -2.49 31.65 16.13
C ARG A 17 -1.59 31.28 17.32
N PHE A 18 -0.56 32.06 17.59
CA PHE A 18 0.25 31.75 18.76
C PHE A 18 -0.26 32.37 20.05
N GLY A 19 -1.09 33.42 19.89
CA GLY A 19 -1.79 33.99 21.01
C GLY A 19 -3.12 33.33 21.35
N ALA A 20 -3.66 32.46 20.49
CA ALA A 20 -4.98 31.85 20.70
C ALA A 20 -5.04 30.85 21.88
N LYS A 21 -6.20 30.77 22.54
CA LYS A 21 -6.38 29.86 23.65
C LYS A 21 -6.20 28.39 23.22
N ALA A 22 -6.66 28.04 22.01
CA ALA A 22 -6.52 26.66 21.49
C ALA A 22 -5.09 26.10 21.42
N ILE A 23 -4.09 26.97 21.26
CA ILE A 23 -2.72 26.49 21.18
C ILE A 23 -2.00 26.43 22.55
N SER A 24 -2.74 26.70 23.62
CA SER A 24 -2.20 26.60 24.97
C SER A 24 -2.08 25.15 25.51
N THR A 25 -2.69 24.16 24.86
CA THR A 25 -2.58 22.79 25.37
C THR A 25 -1.75 21.86 24.53
N ILE A 26 -1.30 20.80 25.18
CA ILE A 26 -0.61 19.68 24.56
C ILE A 26 -1.62 18.89 23.70
N ALA A 27 -1.20 18.49 22.50
CA ALA A 27 -2.11 17.80 21.61
C ALA A 27 -2.61 16.46 22.23
N GLU A 28 -3.90 16.18 22.02
CA GLU A 28 -4.48 14.91 22.44
C GLU A 28 -3.74 13.67 21.90
N SER A 29 -3.56 12.66 22.75
CA SER A 29 -2.80 11.49 22.38
C SER A 29 -3.42 10.15 22.75
N LYS A 30 -4.48 10.16 23.56
CA LYS A 30 -5.08 8.94 24.11
C LYS A 30 -6.53 8.72 23.66
N ARG A 31 -7.31 9.78 23.46
CA ARG A 31 -8.75 9.62 23.22
C ARG A 31 -9.21 10.44 22.02
N PHE A 32 -10.26 9.99 21.36
CA PHE A 32 -10.81 10.74 20.23
C PHE A 32 -11.25 12.09 20.78
N PRO A 33 -10.74 13.18 20.21
CA PRO A 33 -11.13 14.52 20.66
C PRO A 33 -12.66 14.79 20.54
N LEU A 34 -13.15 15.59 21.48
CA LEU A 34 -14.58 15.88 21.56
C LEU A 34 -15.05 17.05 20.68
N HIS A 35 -14.23 18.10 20.52
CA HIS A 35 -14.68 19.35 19.91
C HIS A 35 -13.89 19.74 18.64
N GLU A 36 -14.47 20.56 17.77
CA GLU A 36 -13.70 21.11 16.66
C GLU A 36 -12.68 22.11 17.20
N MET A 37 -11.63 22.35 16.42
CA MET A 37 -10.76 23.50 16.70
C MET A 37 -10.43 24.31 15.42
N ARG A 38 -9.99 25.55 15.63
CA ARG A 38 -9.55 26.40 14.53
C ARG A 38 -8.56 25.63 13.67
N ASP A 39 -8.84 25.57 12.37
CA ASP A 39 -8.04 24.75 11.44
C ASP A 39 -6.57 25.20 11.36
N ASP A 40 -6.31 26.50 11.55
CA ASP A 40 -4.94 26.98 11.35
C ASP A 40 -4.12 26.53 12.55
N VAL A 41 -4.74 26.49 13.73
CA VAL A 41 -4.10 25.99 14.93
C VAL A 41 -3.78 24.49 14.85
N ALA A 42 -4.76 23.67 14.43
CA ALA A 42 -4.57 22.23 14.26
C ALA A 42 -3.38 21.91 13.28
N PHE A 43 -3.40 22.60 12.13
CA PHE A 43 -2.32 22.52 11.16
C PHE A 43 -0.98 22.93 11.78
N GLN A 44 -0.94 24.07 12.48
CA GLN A 44 0.35 24.59 12.98
C GLN A 44 1.04 23.59 13.94
N ILE A 45 0.27 23.07 14.90
CA ILE A 45 0.78 22.14 15.92
C ILE A 45 1.42 20.93 15.26
N ILE A 46 0.74 20.38 14.26
CA ILE A 46 1.21 19.16 13.60
C ILE A 46 2.46 19.44 12.73
N ASN A 47 2.40 20.50 11.92
CA ASN A 47 3.52 20.99 11.15
C ASN A 47 4.75 21.09 12.05
N ASP A 48 4.58 21.70 13.23
CA ASP A 48 5.71 21.87 14.13
C ASP A 48 6.22 20.57 14.74
N GLU A 49 5.31 19.70 15.19
CA GLU A 49 5.74 18.37 15.62
C GLU A 49 6.68 17.71 14.58
N LEU A 50 6.40 17.88 13.29
CA LEU A 50 7.07 17.11 12.23
C LEU A 50 8.52 17.55 12.01
N TYR A 51 8.89 18.70 12.59
CA TYR A 51 10.30 19.09 12.63
C TYR A 51 11.13 18.04 13.35
N LEU A 52 10.51 17.29 14.26
CA LEU A 52 11.29 16.28 15.02
C LEU A 52 11.66 15.05 14.19
N ASP A 53 11.11 14.92 12.99
CA ASP A 53 11.58 13.89 12.08
C ASP A 53 13.04 14.14 11.59
N GLY A 54 13.50 15.40 11.67
CA GLY A 54 14.79 15.75 11.12
C GLY A 54 14.70 16.01 9.63
N ASN A 55 15.86 16.14 8.99
CA ASN A 55 15.88 16.53 7.57
C ASN A 55 16.12 15.32 6.67
N ALA A 56 15.15 15.00 5.81
CA ALA A 56 15.24 13.82 4.95
C ALA A 56 16.41 13.85 3.97
N ARG A 57 16.80 15.04 3.51
CA ARG A 57 17.91 15.19 2.58
C ARG A 57 19.22 14.77 3.24
N GLN A 58 19.26 14.85 4.57
CA GLN A 58 20.45 14.50 5.34
C GLN A 58 20.35 13.07 5.90
N ASN A 59 19.25 12.37 5.57
CA ASN A 59 19.10 10.97 5.93
C ASN A 59 19.88 10.10 4.94
N LEU A 60 21.11 9.69 5.31
CA LEU A 60 21.89 8.85 4.42
C LEU A 60 21.72 7.35 4.69
N ALA A 61 20.75 6.99 5.53
CA ALA A 61 20.41 5.57 5.82
C ALA A 61 19.45 4.98 4.78
N THR A 62 18.50 5.80 4.31
CA THR A 62 17.43 5.28 3.43
C THR A 62 17.87 5.11 1.98
N PHE A 63 17.24 4.13 1.29
CA PHE A 63 17.43 3.89 -0.14
C PHE A 63 16.35 4.62 -0.96
N CYS A 64 15.32 5.13 -0.27
CA CYS A 64 14.11 5.68 -0.95
C CYS A 64 14.21 7.15 -1.36
N GLN A 65 13.44 7.58 -2.36
CA GLN A 65 13.53 9.00 -2.79
C GLN A 65 13.22 10.03 -1.71
N THR A 66 14.14 10.99 -1.58
CA THR A 66 13.94 12.07 -0.64
C THR A 66 13.91 13.43 -1.38
N TRP A 67 13.78 13.39 -2.72
CA TRP A 67 13.63 14.63 -3.53
C TRP A 67 12.75 14.25 -4.73
N ASP A 68 11.85 15.12 -5.13
CA ASP A 68 11.07 14.92 -6.35
C ASP A 68 10.95 16.24 -7.10
N ASP A 69 10.97 16.20 -8.45
CA ASP A 69 10.95 17.45 -9.22
C ASP A 69 9.58 18.14 -9.16
N GLU A 70 9.52 19.41 -9.57
CA GLU A 70 8.28 20.19 -9.43
C GLU A 70 7.08 19.53 -10.17
N ASN A 71 7.32 18.94 -11.36
CA ASN A 71 6.23 18.29 -12.10
C ASN A 71 5.63 17.13 -11.34
N VAL A 72 6.48 16.35 -10.65
CA VAL A 72 6.01 15.24 -9.82
C VAL A 72 5.16 15.72 -8.61
N HIS A 73 5.58 16.81 -7.95
CA HIS A 73 4.77 17.42 -6.90
C HIS A 73 3.38 17.79 -7.47
N LYS A 74 3.35 18.42 -8.65
CA LYS A 74 2.06 18.79 -9.27
C LYS A 74 1.22 17.55 -9.60
N LEU A 75 1.83 16.54 -10.22
CA LEU A 75 1.07 15.35 -10.64
C LEU A 75 0.50 14.59 -9.47
N MET A 76 1.27 14.52 -8.39
CA MET A 76 0.84 13.80 -7.21
C MET A 76 -0.35 14.56 -6.59
N ASP A 77 -0.27 15.89 -6.54
CA ASP A 77 -1.40 16.67 -5.97
C ASP A 77 -2.69 16.53 -6.82
N LEU A 78 -2.53 16.49 -8.14
CA LEU A 78 -3.64 16.28 -9.06
C LEU A 78 -4.22 14.87 -8.98
N SER A 79 -3.40 13.90 -8.58
CA SER A 79 -3.83 12.52 -8.49
C SER A 79 -4.26 12.06 -7.09
N ILE A 80 -4.32 12.99 -6.13
CA ILE A 80 -4.53 12.66 -4.73
C ILE A 80 -5.74 11.72 -4.51
N ASN A 81 -6.80 11.90 -5.31
CA ASN A 81 -8.01 11.12 -5.21
C ASN A 81 -8.26 10.12 -6.34
N LYS A 82 -7.25 9.84 -7.18
CA LYS A 82 -7.43 8.87 -8.26
C LYS A 82 -7.13 7.47 -7.74
N ASN A 83 -8.09 6.55 -7.89
CA ASN A 83 -8.01 5.24 -7.25
C ASN A 83 -7.45 4.20 -8.23
N TRP A 84 -6.25 3.70 -7.94
CA TRP A 84 -5.57 2.72 -8.77
C TRP A 84 -6.36 1.43 -9.06
N ILE A 85 -7.07 0.91 -8.06
CA ILE A 85 -7.79 -0.33 -8.21
C ILE A 85 -9.07 -0.17 -9.06
N ASP A 86 -9.64 1.05 -9.18
CA ASP A 86 -10.91 1.23 -9.93
C ASP A 86 -10.68 1.49 -11.42
N LYS A 87 -10.38 0.43 -12.15
CA LYS A 87 -9.97 0.53 -13.56
C LYS A 87 -11.05 1.10 -14.46
N GLU A 88 -12.30 0.80 -14.16
CA GLU A 88 -13.41 1.33 -14.92
C GLU A 88 -13.70 2.79 -14.59
N GLU A 89 -13.43 3.22 -13.36
CA GLU A 89 -13.80 4.57 -12.90
C GLU A 89 -12.73 5.60 -13.24
N TYR A 90 -11.48 5.13 -13.39
CA TYR A 90 -10.32 5.97 -13.68
C TYR A 90 -9.58 5.28 -14.86
N PRO A 91 -10.23 5.20 -16.02
CA PRO A 91 -9.72 4.35 -17.12
C PRO A 91 -8.39 4.78 -17.74
N GLN A 92 -8.06 6.08 -17.76
CA GLN A 92 -6.80 6.49 -18.37
C GLN A 92 -5.64 6.33 -17.38
N SER A 93 -5.88 6.48 -16.08
CA SER A 93 -4.90 6.08 -15.06
C SER A 93 -4.51 4.59 -15.24
N ALA A 94 -5.52 3.74 -15.41
CA ALA A 94 -5.34 2.32 -15.72
C ALA A 94 -4.51 2.07 -16.98
N ALA A 95 -4.85 2.76 -18.09
CA ALA A 95 -4.07 2.65 -19.31
C ALA A 95 -2.60 3.04 -19.15
N ILE A 96 -2.31 4.12 -18.40
CA ILE A 96 -0.93 4.55 -18.14
C ILE A 96 -0.11 3.50 -17.31
N ASP A 97 -0.77 2.95 -16.31
CA ASP A 97 -0.26 1.80 -15.58
C ASP A 97 0.17 0.64 -16.54
N LEU A 98 -0.67 0.28 -17.50
CA LEU A 98 -0.36 -0.84 -18.41
C LEU A 98 0.84 -0.53 -19.30
N ARG A 99 0.97 0.74 -19.69
CA ARG A 99 2.19 1.18 -20.40
C ARG A 99 3.46 0.98 -19.56
N CYS A 100 3.39 1.35 -18.28
CA CYS A 100 4.57 1.18 -17.37
C CYS A 100 4.98 -0.30 -17.27
N VAL A 101 4.01 -1.22 -17.17
CA VAL A 101 4.28 -2.66 -17.16
C VAL A 101 5.08 -3.07 -18.42
N ASN A 102 4.61 -2.69 -19.62
CA ASN A 102 5.38 -2.93 -20.85
C ASN A 102 6.80 -2.40 -20.85
N MET A 103 6.95 -1.16 -20.43
CA MET A 103 8.27 -0.53 -20.41
C MET A 103 9.28 -1.16 -19.43
N VAL A 104 8.81 -1.52 -18.23
CA VAL A 104 9.65 -2.19 -17.26
C VAL A 104 10.02 -3.59 -17.79
N ALA A 105 9.08 -4.32 -18.38
CA ALA A 105 9.37 -5.64 -18.96
C ALA A 105 10.42 -5.51 -20.06
N ASP A 106 10.28 -4.49 -20.91
CA ASP A 106 11.26 -4.23 -21.96
C ASP A 106 12.67 -3.98 -21.38
N LEU A 107 12.73 -3.16 -20.35
CA LEU A 107 14.01 -2.84 -19.71
C LEU A 107 14.76 -4.09 -19.22
N TRP A 108 14.00 -5.06 -18.73
CA TRP A 108 14.55 -6.30 -18.16
C TRP A 108 14.63 -7.48 -19.17
N HIS A 109 14.45 -7.20 -20.46
CA HIS A 109 14.55 -8.20 -21.55
C HIS A 109 13.54 -9.35 -21.43
N ALA A 110 12.32 -9.03 -20.98
CA ALA A 110 11.22 -9.99 -21.04
C ALA A 110 10.97 -10.37 -22.51
N PRO A 111 10.73 -11.66 -22.81
CA PRO A 111 10.40 -12.05 -24.18
C PRO A 111 9.21 -11.21 -24.67
N ALA A 112 9.29 -10.71 -25.89
CA ALA A 112 8.25 -9.82 -26.48
C ALA A 112 6.85 -10.46 -26.33
N PRO A 113 5.92 -9.75 -25.70
CA PRO A 113 4.59 -10.33 -25.37
C PRO A 113 3.72 -10.67 -26.58
N LYS A 114 2.94 -11.74 -26.46
CA LYS A 114 2.14 -12.31 -27.58
C LYS A 114 1.12 -11.30 -28.15
N ASN A 115 0.28 -10.84 -27.22
CA ASN A 115 -0.85 -9.99 -27.51
C ASN A 115 -0.55 -8.49 -27.28
N GLY A 116 0.73 -8.11 -27.30
CA GLY A 116 1.15 -6.75 -27.04
C GLY A 116 1.15 -6.25 -25.58
N GLN A 117 0.92 -7.13 -24.59
CA GLN A 117 0.87 -6.71 -23.18
C GLN A 117 1.66 -7.67 -22.26
N ALA A 118 2.68 -7.13 -21.58
CA ALA A 118 3.50 -7.91 -20.67
C ALA A 118 2.70 -8.37 -19.46
N VAL A 119 3.14 -9.47 -18.85
CA VAL A 119 2.51 -10.03 -17.66
C VAL A 119 3.21 -9.45 -16.43
N GLY A 120 2.51 -8.62 -15.68
CA GLY A 120 3.12 -8.06 -14.49
C GLY A 120 2.19 -7.07 -13.83
N THR A 121 2.65 -6.41 -12.79
CA THR A 121 1.76 -5.44 -12.13
C THR A 121 2.53 -4.44 -11.31
N ASN A 122 1.96 -3.25 -11.18
CA ASN A 122 2.37 -2.30 -10.19
C ASN A 122 1.98 -2.76 -8.77
N THR A 123 2.75 -2.32 -7.77
CA THR A 123 2.44 -2.62 -6.38
C THR A 123 2.81 -1.42 -5.54
N ILE A 124 2.51 -1.47 -4.24
CA ILE A 124 2.88 -0.39 -3.34
C ILE A 124 4.41 -0.34 -3.14
N GLY A 125 5.09 -1.49 -3.29
CA GLY A 125 6.53 -1.54 -3.10
C GLY A 125 7.09 -2.94 -3.36
N SER A 126 8.39 -3.12 -3.16
CA SER A 126 8.95 -4.44 -3.43
C SER A 126 8.33 -5.50 -2.51
N SER A 127 7.90 -5.09 -1.30
CA SER A 127 7.42 -6.06 -0.32
C SER A 127 6.18 -6.84 -0.82
N GLU A 128 5.14 -6.12 -1.24
CA GLU A 128 3.97 -6.73 -1.86
C GLU A 128 4.43 -7.50 -3.11
N ALA A 129 5.33 -6.92 -3.88
CA ALA A 129 5.80 -7.54 -5.15
C ALA A 129 6.49 -8.90 -4.89
N CYS A 130 7.34 -8.94 -3.85
CA CYS A 130 7.95 -10.20 -3.42
C CYS A 130 6.96 -11.25 -2.92
N MET A 131 5.91 -10.82 -2.21
CA MET A 131 4.89 -11.79 -1.79
C MET A 131 4.08 -12.35 -2.97
N LEU A 132 3.80 -11.51 -3.97
CA LEU A 132 3.14 -11.98 -5.19
C LEU A 132 4.04 -12.98 -5.90
N GLY A 133 5.35 -12.65 -5.99
CA GLY A 133 6.32 -13.51 -6.66
C GLY A 133 6.47 -14.84 -5.89
N GLY A 134 6.45 -14.74 -4.56
CA GLY A 134 6.55 -15.89 -3.68
C GLY A 134 5.38 -16.84 -3.81
N MET A 135 4.15 -16.30 -3.77
CA MET A 135 2.95 -17.10 -3.89
C MET A 135 2.99 -17.81 -5.24
N ALA A 136 3.37 -17.08 -6.29
CA ALA A 136 3.38 -17.73 -7.59
C ALA A 136 4.42 -18.87 -7.64
N MET A 137 5.57 -18.70 -6.98
CA MET A 137 6.56 -19.76 -6.91
C MET A 137 5.99 -21.02 -6.21
N LYS A 138 5.33 -20.81 -5.07
CA LYS A 138 4.77 -21.87 -4.25
C LYS A 138 3.69 -22.66 -5.01
N TRP A 139 2.83 -21.93 -5.70
CA TRP A 139 1.82 -22.55 -6.55
C TRP A 139 2.43 -23.33 -7.72
N ARG A 140 3.46 -22.81 -8.40
CA ARG A 140 4.06 -23.58 -9.52
C ARG A 140 4.69 -24.88 -8.98
N TRP A 141 5.37 -24.79 -7.83
CA TRP A 141 5.95 -25.95 -7.19
C TRP A 141 4.87 -27.00 -6.80
N ARG A 142 3.79 -26.55 -6.16
CA ARG A 142 2.68 -27.45 -5.84
C ARG A 142 2.24 -28.28 -7.04
N LYS A 143 2.02 -27.61 -8.18
CA LYS A 143 1.62 -28.27 -9.44
C LYS A 143 2.68 -29.26 -9.97
N ARG A 144 3.94 -28.86 -9.92
CA ARG A 144 5.04 -29.75 -10.33
C ARG A 144 4.97 -31.03 -9.47
N MET A 145 4.85 -30.89 -8.16
CA MET A 145 4.82 -32.02 -7.23
C MET A 145 3.60 -32.95 -7.44
N GLU A 146 2.42 -32.37 -7.62
CA GLU A 146 1.19 -33.08 -7.91
C GLU A 146 1.24 -33.91 -9.21
N ALA A 147 1.89 -33.40 -10.26
CA ALA A 147 2.05 -34.14 -11.51
C ALA A 147 2.86 -35.44 -11.35
N ALA A 148 3.63 -35.55 -10.27
CA ALA A 148 4.35 -36.80 -9.98
C ALA A 148 3.89 -37.52 -8.72
N GLY A 149 2.68 -37.21 -8.24
CA GLY A 149 2.10 -37.87 -7.09
C GLY A 149 2.69 -37.59 -5.71
N LYS A 150 3.56 -36.58 -5.61
CA LYS A 150 4.35 -36.33 -4.39
C LYS A 150 3.68 -35.35 -3.42
N PRO A 151 3.94 -35.53 -2.11
CA PRO A 151 3.36 -34.66 -1.08
C PRO A 151 3.85 -33.20 -1.22
N THR A 152 3.05 -32.25 -0.74
CA THR A 152 3.33 -30.83 -0.92
C THR A 152 3.27 -30.10 0.39
N ASP A 153 3.56 -30.80 1.47
CA ASP A 153 3.37 -30.20 2.79
C ASP A 153 4.62 -29.59 3.39
N LYS A 154 5.78 -29.77 2.77
CA LYS A 154 7.03 -29.22 3.33
C LYS A 154 7.83 -28.26 2.41
N PRO A 155 7.22 -27.21 1.84
CA PRO A 155 7.97 -26.31 0.96
C PRO A 155 9.10 -25.56 1.69
N ASN A 156 10.25 -25.35 1.03
CA ASN A 156 11.29 -24.47 1.57
C ASN A 156 11.73 -23.49 0.48
N LEU A 157 12.41 -22.41 0.90
CA LEU A 157 12.91 -21.46 -0.06
C LEU A 157 14.35 -21.17 0.32
N VAL A 158 15.21 -21.11 -0.69
CA VAL A 158 16.66 -20.95 -0.49
C VAL A 158 17.05 -19.53 -0.90
N CYS A 159 17.86 -18.88 -0.06
CA CYS A 159 18.22 -17.48 -0.28
C CYS A 159 19.52 -17.09 0.45
N GLY A 160 20.05 -15.92 0.10
CA GLY A 160 21.17 -15.34 0.84
C GLY A 160 20.72 -14.30 1.85
N PRO A 161 21.49 -13.23 1.98
CA PRO A 161 21.22 -12.20 2.99
C PRO A 161 20.10 -11.24 2.55
N VAL A 162 18.86 -11.74 2.64
CA VAL A 162 17.68 -11.05 2.15
C VAL A 162 17.19 -10.01 3.12
N GLN A 163 16.46 -9.05 2.58
CA GLN A 163 15.69 -8.09 3.36
C GLN A 163 14.54 -8.81 4.08
N ILE A 164 14.07 -8.20 5.17
CA ILE A 164 13.13 -8.84 6.10
C ILE A 164 11.80 -9.32 5.45
N CYS A 165 11.36 -8.67 4.36
CA CYS A 165 10.12 -9.09 3.72
C CYS A 165 10.11 -10.59 3.38
N TRP A 166 11.27 -11.16 3.07
CA TRP A 166 11.36 -12.58 2.79
C TRP A 166 11.14 -13.40 4.05
N HIS A 167 11.57 -12.89 5.21
CA HIS A 167 11.26 -13.55 6.49
C HIS A 167 9.77 -13.51 6.76
N LYS A 168 9.14 -12.38 6.46
CA LYS A 168 7.68 -12.26 6.63
C LYS A 168 6.92 -13.20 5.67
N PHE A 169 7.35 -13.27 4.41
CA PHE A 169 6.75 -14.18 3.45
C PHE A 169 6.76 -15.64 3.99
N ALA A 170 7.91 -16.07 4.53
CA ALA A 170 8.06 -17.46 5.01
C ALA A 170 7.11 -17.76 6.16
N ARG A 171 7.06 -16.84 7.12
CA ARG A 171 6.15 -16.94 8.26
C ARG A 171 4.69 -16.95 7.82
N TYR A 172 4.32 -16.04 6.92
CA TYR A 172 2.90 -15.83 6.60
C TYR A 172 2.34 -16.88 5.68
N TRP A 173 3.19 -17.50 4.86
CA TRP A 173 2.74 -18.55 3.94
C TRP A 173 3.25 -19.98 4.30
N ASP A 174 3.76 -20.14 5.53
CA ASP A 174 4.24 -21.43 6.04
C ASP A 174 5.24 -22.10 5.09
N VAL A 175 6.30 -21.38 4.74
CA VAL A 175 7.36 -21.92 3.89
C VAL A 175 8.60 -21.92 4.79
N GLU A 176 9.37 -23.00 4.80
CA GLU A 176 10.59 -23.02 5.62
C GLU A 176 11.68 -22.20 4.92
N LEU A 177 12.22 -21.19 5.60
CA LEU A 177 13.28 -20.39 4.99
C LEU A 177 14.67 -21.00 5.17
N ARG A 178 15.36 -21.27 4.06
CA ARG A 178 16.74 -21.73 4.14
C ARG A 178 17.71 -20.62 3.76
N GLU A 179 18.03 -19.78 4.75
CA GLU A 179 18.89 -18.61 4.53
C GLU A 179 20.36 -18.98 4.71
N ILE A 180 21.11 -18.94 3.63
CA ILE A 180 22.56 -19.14 3.72
C ILE A 180 23.20 -17.91 4.42
N PRO A 181 23.77 -18.12 5.61
CA PRO A 181 24.29 -16.99 6.40
C PRO A 181 25.55 -16.32 5.84
N MET A 182 25.64 -15.01 6.02
CA MET A 182 26.92 -14.33 5.74
C MET A 182 28.03 -14.86 6.68
N ARG A 183 29.24 -14.92 6.16
CA ARG A 183 30.40 -15.25 6.98
C ARG A 183 31.60 -14.41 6.49
N PRO A 184 32.58 -14.16 7.38
CA PRO A 184 33.79 -13.39 7.00
C PRO A 184 34.36 -13.97 5.71
N GLY A 185 34.67 -13.13 4.73
CA GLY A 185 35.21 -13.64 3.48
C GLY A 185 34.15 -14.06 2.46
N GLN A 186 32.91 -14.28 2.91
CA GLN A 186 31.82 -14.45 1.93
C GLN A 186 30.45 -13.98 2.41
N LEU A 187 30.18 -12.72 2.08
CA LEU A 187 29.02 -12.01 2.61
C LEU A 187 27.87 -12.10 1.61
N PHE A 188 27.75 -13.27 1.01
CA PHE A 188 26.74 -13.53 -0.03
C PHE A 188 26.53 -15.06 -0.22
N MET A 189 25.47 -15.42 -0.93
CA MET A 189 25.13 -16.81 -1.20
C MET A 189 26.03 -17.28 -2.34
N ASP A 190 26.98 -18.16 -2.04
CA ASP A 190 27.82 -18.75 -3.09
C ASP A 190 27.18 -20.02 -3.68
N PRO A 191 27.52 -20.42 -4.90
CA PRO A 191 26.83 -21.53 -5.55
C PRO A 191 26.95 -22.87 -4.80
N LYS A 192 28.10 -23.12 -4.16
CA LYS A 192 28.31 -24.36 -3.39
C LYS A 192 27.33 -24.52 -2.23
N ARG A 193 27.23 -23.51 -1.36
CA ARG A 193 26.29 -23.57 -0.23
C ARG A 193 24.82 -23.55 -0.66
N MET A 194 24.51 -22.81 -1.74
CA MET A 194 23.17 -22.79 -2.32
C MET A 194 22.70 -24.23 -2.69
N ILE A 195 23.51 -24.94 -3.47
CA ILE A 195 23.22 -26.34 -3.86
C ILE A 195 23.06 -27.26 -2.64
N GLU A 196 23.93 -27.17 -1.66
CA GLU A 196 23.74 -27.99 -0.44
C GLU A 196 22.36 -27.79 0.21
N ALA A 197 21.80 -26.58 0.13
CA ALA A 197 20.51 -26.32 0.75
C ALA A 197 19.32 -26.72 -0.14
N CYS A 198 19.55 -26.97 -1.42
CA CYS A 198 18.42 -27.32 -2.31
C CYS A 198 18.04 -28.80 -2.24
N ASP A 199 16.75 -29.07 -2.29
CA ASP A 199 16.24 -30.45 -2.51
C ASP A 199 14.93 -30.41 -3.31
N GLU A 200 14.22 -31.54 -3.37
CA GLU A 200 12.97 -31.61 -4.17
C GLU A 200 11.84 -30.71 -3.61
N ASN A 201 11.98 -30.29 -2.36
CA ASN A 201 10.98 -29.43 -1.69
C ASN A 201 11.25 -27.90 -1.87
N THR A 202 12.31 -27.54 -2.58
CA THR A 202 12.71 -26.12 -2.81
C THR A 202 11.81 -25.45 -3.86
N ILE A 203 11.03 -24.46 -3.46
CA ILE A 203 10.12 -23.77 -4.38
C ILE A 203 10.85 -22.82 -5.31
N GLY A 204 12.05 -22.41 -4.91
CA GLY A 204 12.85 -21.51 -5.71
C GLY A 204 14.04 -20.94 -4.97
N VAL A 205 14.88 -20.26 -5.72
CA VAL A 205 16.06 -19.58 -5.23
C VAL A 205 15.88 -18.08 -5.49
N VAL A 206 16.08 -17.26 -4.45
CA VAL A 206 15.98 -15.78 -4.53
C VAL A 206 17.35 -15.11 -4.28
N PRO A 207 18.06 -14.79 -5.36
CA PRO A 207 19.25 -13.95 -5.24
C PRO A 207 18.79 -12.49 -5.02
N THR A 208 19.60 -11.71 -4.32
CA THR A 208 19.31 -10.32 -4.00
C THR A 208 20.24 -9.42 -4.84
N PHE A 209 19.67 -8.82 -5.88
CA PHE A 209 20.45 -8.07 -6.83
C PHE A 209 20.62 -6.64 -6.30
N GLY A 210 21.45 -6.52 -5.26
CA GLY A 210 21.58 -5.30 -4.50
C GLY A 210 21.25 -5.57 -3.04
N VAL A 211 22.25 -6.06 -2.32
CA VAL A 211 22.06 -6.46 -0.92
C VAL A 211 22.04 -5.21 -0.07
N THR A 212 21.03 -5.05 0.79
CA THR A 212 20.89 -3.84 1.62
C THR A 212 22.03 -3.58 2.60
N TYR A 213 22.50 -4.66 3.26
CA TYR A 213 23.52 -4.57 4.29
C TYR A 213 24.86 -4.08 3.76
N THR A 214 25.20 -4.44 2.53
CA THR A 214 26.52 -4.13 2.02
C THR A 214 26.47 -3.24 0.79
N GLY A 215 25.38 -3.30 0.04
CA GLY A 215 25.32 -2.58 -1.22
C GLY A 215 25.84 -3.34 -2.43
N ASN A 216 26.33 -4.58 -2.24
CA ASN A 216 26.87 -5.34 -3.39
C ASN A 216 25.81 -6.19 -4.08
N TYR A 217 26.00 -6.45 -5.37
CA TYR A 217 25.15 -7.38 -6.10
C TYR A 217 25.48 -8.84 -5.75
N GLU A 218 24.45 -9.68 -5.55
CA GLU A 218 24.61 -11.13 -5.76
C GLU A 218 24.39 -11.37 -7.23
N PHE A 219 25.36 -11.96 -7.90
CA PHE A 219 25.26 -12.19 -9.35
C PHE A 219 24.49 -13.48 -9.70
N PRO A 220 23.31 -13.38 -10.32
CA PRO A 220 22.52 -14.61 -10.60
C PRO A 220 23.18 -15.63 -11.58
N GLN A 221 24.07 -15.17 -12.48
CA GLN A 221 24.59 -16.05 -13.53
C GLN A 221 25.34 -17.29 -13.03
N PRO A 222 26.30 -17.16 -12.11
CA PRO A 222 26.97 -18.35 -11.56
C PRO A 222 26.02 -19.28 -10.77
N LEU A 223 24.98 -18.71 -10.15
CA LEU A 223 23.98 -19.48 -9.44
C LEU A 223 23.16 -20.25 -10.46
N HIS A 224 22.88 -19.60 -11.58
CA HIS A 224 22.16 -20.21 -12.69
C HIS A 224 22.92 -21.42 -13.27
N ASP A 225 24.24 -21.28 -13.46
CA ASP A 225 25.05 -22.40 -13.97
C ASP A 225 24.98 -23.60 -13.02
N ALA A 226 25.09 -23.32 -11.72
CA ALA A 226 24.94 -24.35 -10.69
C ALA A 226 23.58 -25.09 -10.72
N LEU A 227 22.48 -24.37 -10.86
CA LEU A 227 21.16 -25.02 -10.93
C LEU A 227 20.99 -25.86 -12.21
N ASP A 228 21.69 -25.46 -13.29
CA ASP A 228 21.73 -26.26 -14.52
C ASP A 228 22.43 -27.63 -14.26
N LYS A 229 23.58 -27.63 -13.58
CA LYS A 229 24.23 -28.89 -13.20
C LYS A 229 23.35 -29.67 -12.23
N PHE A 230 22.79 -29.00 -11.22
CA PHE A 230 21.85 -29.65 -10.30
C PHE A 230 20.74 -30.47 -11.03
N GLN A 231 20.08 -29.86 -12.04
CA GLN A 231 19.03 -30.55 -12.80
C GLN A 231 19.58 -31.74 -13.58
N ALA A 232 20.74 -31.58 -14.22
CA ALA A 232 21.37 -32.67 -14.97
C ALA A 232 21.63 -33.84 -14.01
N ASP A 233 22.27 -33.54 -12.87
CA ASP A 233 22.61 -34.55 -11.87
C ASP A 233 21.41 -35.25 -11.28
N THR A 234 20.42 -34.49 -10.83
CA THR A 234 19.35 -35.02 -9.97
C THR A 234 17.97 -35.06 -10.61
N GLY A 235 17.80 -34.38 -11.74
CA GLY A 235 16.47 -34.23 -12.32
C GLY A 235 15.57 -33.18 -11.64
N ILE A 236 16.02 -32.58 -10.54
CA ILE A 236 15.24 -31.50 -9.89
C ILE A 236 15.43 -30.14 -10.60
N ASP A 237 14.30 -29.56 -10.98
CA ASP A 237 14.24 -28.32 -11.79
C ASP A 237 13.82 -27.10 -10.93
N ILE A 238 14.78 -26.25 -10.58
CA ILE A 238 14.49 -25.14 -9.67
C ILE A 238 14.51 -23.76 -10.42
N ASP A 239 13.45 -22.95 -10.23
CA ASP A 239 13.36 -21.59 -10.82
C ASP A 239 13.99 -20.54 -9.91
N MET A 240 14.17 -19.34 -10.45
CA MET A 240 14.61 -18.19 -9.64
C MET A 240 13.63 -17.01 -9.67
N HIS A 241 13.58 -16.25 -8.58
CA HIS A 241 12.95 -14.94 -8.57
C HIS A 241 14.05 -13.95 -8.18
N ILE A 242 14.24 -12.89 -8.95
CA ILE A 242 15.28 -11.94 -8.57
C ILE A 242 14.66 -10.82 -7.73
N ASP A 243 15.17 -10.66 -6.51
CA ASP A 243 14.79 -9.50 -5.70
C ASP A 243 15.73 -8.36 -6.11
N ALA A 244 15.28 -7.54 -7.05
CA ALA A 244 16.11 -6.46 -7.60
C ALA A 244 15.61 -5.12 -7.14
N ALA A 245 15.21 -5.05 -5.87
CA ALA A 245 14.62 -3.85 -5.29
C ALA A 245 15.42 -2.59 -5.64
N SER A 246 16.76 -2.63 -5.50
CA SER A 246 17.60 -1.50 -5.92
C SER A 246 18.17 -1.73 -7.32
N GLY A 247 18.76 -2.91 -7.55
CA GLY A 247 19.49 -3.16 -8.79
C GLY A 247 18.71 -3.08 -10.09
N GLY A 248 17.42 -3.33 -10.03
CA GLY A 248 16.61 -3.33 -11.23
C GLY A 248 16.48 -2.00 -11.95
N PHE A 249 16.78 -0.90 -11.28
CA PHE A 249 16.83 0.37 -12.00
C PHE A 249 18.23 0.99 -12.04
N LEU A 250 19.25 0.17 -11.92
CA LEU A 250 20.63 0.67 -11.99
C LEU A 250 21.39 0.02 -13.15
N ALA A 251 21.63 -1.28 -13.04
CA ALA A 251 22.40 -2.05 -14.00
C ALA A 251 21.96 -1.88 -15.47
N PRO A 252 20.66 -1.87 -15.76
CA PRO A 252 20.25 -1.70 -17.16
C PRO A 252 20.80 -0.41 -17.76
N PHE A 253 21.07 0.59 -16.92
CA PHE A 253 21.52 1.89 -17.43
C PHE A 253 23.03 2.01 -17.41
N VAL A 254 23.67 1.55 -16.33
CA VAL A 254 25.11 1.74 -16.18
C VAL A 254 25.97 0.48 -16.30
N ALA A 255 25.37 -0.71 -16.32
CA ALA A 255 26.14 -1.94 -16.50
C ALA A 255 25.34 -2.93 -17.35
N PRO A 256 25.06 -2.58 -18.60
CA PRO A 256 24.13 -3.38 -19.39
C PRO A 256 24.61 -4.81 -19.67
N ASP A 257 25.90 -5.06 -19.55
CA ASP A 257 26.49 -6.38 -19.85
C ASP A 257 26.40 -7.39 -18.73
N ILE A 258 26.01 -6.95 -17.53
CA ILE A 258 25.71 -7.89 -16.46
C ILE A 258 24.45 -8.70 -16.80
N VAL A 259 24.59 -10.01 -16.85
CA VAL A 259 23.44 -10.85 -17.20
C VAL A 259 22.75 -11.33 -15.92
N TRP A 260 21.63 -10.72 -15.58
CA TRP A 260 20.97 -10.92 -14.29
C TRP A 260 19.45 -11.13 -14.44
N ASP A 261 18.91 -10.82 -15.62
CA ASP A 261 17.46 -10.61 -15.78
C ASP A 261 16.81 -11.74 -16.64
N PHE A 262 15.81 -11.43 -17.48
CA PHE A 262 15.10 -12.50 -18.23
C PHE A 262 15.94 -13.21 -19.32
N ARG A 263 17.12 -12.67 -19.62
CA ARG A 263 18.07 -13.31 -20.52
C ARG A 263 18.46 -14.71 -19.98
N LEU A 264 18.25 -14.93 -18.66
CA LEU A 264 18.51 -16.25 -18.03
C LEU A 264 17.19 -17.04 -17.96
N PRO A 265 17.17 -18.24 -18.58
CA PRO A 265 15.95 -19.06 -18.67
C PRO A 265 15.23 -19.34 -17.33
N ARG A 266 15.98 -19.59 -16.26
CA ARG A 266 15.38 -19.99 -14.98
C ARG A 266 14.72 -18.83 -14.27
N VAL A 267 15.03 -17.58 -14.69
CA VAL A 267 14.40 -16.42 -14.10
C VAL A 267 12.96 -16.28 -14.60
N LYS A 268 12.02 -16.60 -13.72
CA LYS A 268 10.60 -16.58 -14.06
C LYS A 268 9.89 -15.27 -13.67
N SER A 269 10.47 -14.55 -12.70
CA SER A 269 9.91 -13.28 -12.24
C SER A 269 11.02 -12.42 -11.60
N ILE A 270 10.79 -11.10 -11.65
CA ILE A 270 11.72 -10.08 -11.11
C ILE A 270 10.89 -8.97 -10.47
N SER A 271 11.34 -8.44 -9.34
CA SER A 271 10.68 -7.32 -8.67
C SER A 271 11.69 -6.19 -8.41
N ALA A 272 11.22 -4.94 -8.32
CA ALA A 272 12.08 -3.79 -7.97
C ALA A 272 11.23 -2.69 -7.33
N SER A 273 11.88 -1.74 -6.67
CA SER A 273 11.17 -0.65 -5.98
C SER A 273 11.29 0.57 -6.89
N GLY A 274 10.17 1.01 -7.45
CA GLY A 274 10.17 2.27 -8.21
C GLY A 274 10.64 3.42 -7.32
N HIS A 275 10.21 3.44 -6.05
CA HIS A 275 10.51 4.53 -5.13
C HIS A 275 11.95 4.44 -4.54
N LYS A 276 12.74 3.44 -4.97
CA LYS A 276 14.19 3.55 -4.78
C LYS A 276 14.89 4.22 -5.97
N PHE A 277 15.69 3.46 -6.73
CA PHE A 277 16.43 4.02 -7.86
C PHE A 277 15.58 4.15 -9.13
N GLY A 278 14.32 3.75 -9.04
CA GLY A 278 13.36 4.05 -10.10
C GLY A 278 12.91 5.51 -10.17
N LEU A 279 13.30 6.32 -9.18
CA LEU A 279 13.05 7.76 -9.15
C LEU A 279 11.58 8.18 -8.90
N ALA A 280 10.71 7.22 -8.58
CA ALA A 280 9.33 7.51 -8.23
C ALA A 280 9.23 7.88 -6.75
N PRO A 281 8.19 8.62 -6.38
CA PRO A 281 7.96 8.88 -4.96
C PRO A 281 7.45 7.63 -4.23
N LEU A 282 7.69 7.59 -2.91
CA LEU A 282 7.20 6.54 -2.02
C LEU A 282 5.82 6.01 -2.37
N GLY A 283 5.75 4.69 -2.58
CA GLY A 283 4.47 4.04 -2.86
C GLY A 283 4.39 3.42 -4.25
N CYS A 284 5.55 3.04 -4.80
CA CYS A 284 5.60 2.44 -6.13
C CYS A 284 6.57 1.23 -6.20
N GLY A 285 6.04 0.04 -6.53
CA GLY A 285 6.88 -1.09 -6.88
C GLY A 285 6.38 -1.85 -8.12
N TRP A 286 7.21 -2.75 -8.66
CA TRP A 286 6.88 -3.51 -9.87
C TRP A 286 7.25 -4.98 -9.71
N VAL A 287 6.49 -5.88 -10.33
CA VAL A 287 6.91 -7.25 -10.49
C VAL A 287 6.51 -7.68 -11.88
N ILE A 288 7.43 -8.35 -12.58
CA ILE A 288 7.17 -8.80 -13.96
C ILE A 288 7.39 -10.32 -14.00
N TRP A 289 6.51 -11.03 -14.71
CA TRP A 289 6.68 -12.46 -14.96
C TRP A 289 7.21 -12.66 -16.39
N ARG A 290 7.99 -13.72 -16.61
CA ARG A 290 8.54 -13.95 -17.94
C ARG A 290 7.54 -14.17 -19.09
N ASP A 291 6.44 -14.85 -18.81
CA ASP A 291 5.31 -15.04 -19.71
C ASP A 291 4.09 -15.51 -18.89
N GLU A 292 2.98 -15.79 -19.59
CA GLU A 292 1.69 -16.19 -18.97
C GLU A 292 1.80 -17.46 -18.15
N GLU A 293 2.58 -18.43 -18.65
CA GLU A 293 2.80 -19.70 -17.98
C GLU A 293 3.44 -19.57 -16.60
N ALA A 294 4.24 -18.52 -16.39
CA ALA A 294 4.89 -18.31 -15.07
C ALA A 294 3.97 -17.83 -13.95
N LEU A 295 2.79 -17.34 -14.31
CA LEU A 295 1.80 -16.85 -13.35
C LEU A 295 0.57 -17.78 -13.32
N PRO A 296 0.41 -18.59 -12.27
CA PRO A 296 -0.79 -19.45 -12.12
C PRO A 296 -2.10 -18.65 -12.12
N GLN A 297 -2.99 -19.03 -13.03
CA GLN A 297 -4.23 -18.28 -13.27
C GLN A 297 -5.20 -18.31 -12.09
N GLU A 298 -5.10 -19.32 -11.22
CA GLU A 298 -5.91 -19.34 -10.03
C GLU A 298 -5.55 -18.25 -9.01
N LEU A 299 -4.43 -17.57 -9.18
CA LEU A 299 -4.10 -16.44 -8.32
C LEU A 299 -4.68 -15.12 -8.84
N VAL A 300 -5.21 -15.15 -10.06
CA VAL A 300 -5.61 -13.93 -10.77
C VAL A 300 -7.11 -13.65 -10.62
N PHE A 301 -7.48 -12.39 -10.34
CA PHE A 301 -8.90 -11.99 -10.19
C PHE A 301 -9.22 -10.96 -11.28
N ASN A 302 -10.20 -11.28 -12.14
CA ASN A 302 -10.49 -10.44 -13.31
C ASN A 302 -11.43 -9.31 -12.95
N VAL A 303 -11.22 -8.14 -13.55
CA VAL A 303 -12.15 -7.02 -13.38
C VAL A 303 -12.55 -6.43 -14.73
N ASP A 304 -13.73 -5.82 -14.79
CA ASP A 304 -14.18 -5.11 -15.98
C ASP A 304 -13.33 -3.88 -16.33
N TYR A 305 -12.94 -3.82 -17.59
CA TYR A 305 -12.20 -2.68 -18.15
C TYR A 305 -12.65 -2.41 -19.59
N LEU A 306 -13.55 -1.44 -19.75
CA LEU A 306 -14.01 -0.93 -21.06
C LEU A 306 -14.52 -2.00 -22.04
N GLY A 307 -15.66 -2.62 -21.71
CA GLY A 307 -16.16 -3.75 -22.50
C GLY A 307 -15.37 -5.05 -22.34
N GLY A 308 -14.05 -4.95 -22.18
CA GLY A 308 -13.20 -6.10 -21.91
C GLY A 308 -13.06 -6.48 -20.43
N GLN A 309 -12.00 -7.22 -20.15
CA GLN A 309 -11.66 -7.67 -18.79
C GLN A 309 -10.16 -7.78 -18.68
N ILE A 310 -9.61 -7.28 -17.56
CA ILE A 310 -8.19 -7.44 -17.29
C ILE A 310 -7.91 -8.22 -15.96
N GLY A 311 -6.84 -9.03 -15.95
CA GLY A 311 -6.41 -9.78 -14.78
C GLY A 311 -5.66 -8.94 -13.74
N THR A 312 -6.07 -9.02 -12.47
CA THR A 312 -5.38 -8.35 -11.36
C THR A 312 -4.78 -9.37 -10.38
N PHE A 313 -3.62 -9.04 -9.81
CA PHE A 313 -2.96 -9.83 -8.80
C PHE A 313 -2.43 -8.78 -7.82
N ALA A 314 -3.06 -8.66 -6.66
CA ALA A 314 -2.77 -7.54 -5.74
C ALA A 314 -3.19 -7.97 -4.38
N ILE A 315 -2.48 -7.51 -3.36
CA ILE A 315 -2.92 -7.75 -1.99
C ILE A 315 -3.71 -6.52 -1.54
N ASN A 316 -3.22 -5.32 -1.91
CA ASN A 316 -3.91 -4.08 -1.58
C ASN A 316 -5.14 -3.93 -2.49
N PHE A 317 -6.09 -3.10 -2.06
CA PHE A 317 -7.24 -2.80 -2.91
C PHE A 317 -7.18 -1.28 -3.24
N SER A 318 -8.00 -0.43 -2.63
CA SER A 318 -7.92 1.04 -2.88
C SER A 318 -6.58 1.63 -2.43
N ARG A 319 -6.00 2.48 -3.27
CA ARG A 319 -4.74 3.19 -2.97
C ARG A 319 -4.55 4.18 -4.11
N PRO A 320 -3.78 5.23 -3.90
CA PRO A 320 -3.70 6.29 -4.93
C PRO A 320 -2.93 5.88 -6.20
N ALA A 321 -3.26 6.52 -7.31
CA ALA A 321 -2.61 6.24 -8.58
C ALA A 321 -1.50 7.23 -8.94
N GLY A 322 -1.23 8.22 -8.08
CA GLY A 322 -0.23 9.22 -8.40
C GLY A 322 1.19 8.73 -8.64
N GLN A 323 1.64 7.76 -7.84
CA GLN A 323 2.99 7.20 -7.98
C GLN A 323 3.24 6.54 -9.36
N VAL A 324 2.25 5.84 -9.93
CA VAL A 324 2.42 5.24 -11.24
C VAL A 324 2.43 6.33 -12.36
N ILE A 325 1.56 7.33 -12.21
CA ILE A 325 1.54 8.46 -13.13
C ILE A 325 2.91 9.18 -13.07
N ALA A 326 3.43 9.41 -11.85
CA ALA A 326 4.75 10.00 -11.67
C ALA A 326 5.84 9.16 -12.36
N GLN A 327 5.80 7.83 -12.15
CA GLN A 327 6.75 6.90 -12.76
C GLN A 327 6.77 7.05 -14.24
N TYR A 328 5.57 7.05 -14.82
CA TYR A 328 5.45 7.20 -16.26
C TYR A 328 6.01 8.52 -16.74
N TYR A 329 5.77 9.59 -15.98
CA TYR A 329 6.40 10.89 -16.32
C TYR A 329 7.97 10.81 -16.33
N GLU A 330 8.57 10.15 -15.33
CA GLU A 330 10.04 10.04 -15.29
C GLU A 330 10.57 9.24 -16.48
N PHE A 331 9.85 8.18 -16.86
CA PHE A 331 10.21 7.37 -18.03
C PHE A 331 10.26 8.22 -19.31
N LEU A 332 9.23 9.01 -19.54
CA LEU A 332 9.15 9.83 -20.75
C LEU A 332 10.10 11.03 -20.69
N ARG A 333 10.21 11.64 -19.52
CA ARG A 333 10.98 12.88 -19.39
C ARG A 333 12.49 12.59 -19.39
N LEU A 334 12.88 11.45 -18.85
CA LEU A 334 14.32 11.10 -18.76
C LEU A 334 14.75 10.11 -19.83
N GLY A 335 13.93 9.11 -20.04
CA GLY A 335 14.32 7.98 -20.87
C GLY A 335 15.64 7.34 -20.45
N ARG A 336 16.19 6.51 -21.33
CA ARG A 336 17.41 5.80 -20.99
C ARG A 336 18.56 6.82 -20.75
N GLU A 337 18.62 7.81 -21.63
CA GLU A 337 19.68 8.85 -21.56
C GLU A 337 19.72 9.55 -20.21
N GLY A 338 18.57 10.05 -19.75
CA GLY A 338 18.50 10.75 -18.50
C GLY A 338 18.66 9.89 -17.27
N TYR A 339 18.07 8.70 -17.24
CA TYR A 339 18.31 7.75 -16.14
C TYR A 339 19.83 7.48 -15.99
N THR A 340 20.53 7.26 -17.11
CA THR A 340 21.99 7.03 -17.08
C THR A 340 22.73 8.21 -16.45
N LYS A 341 22.36 9.43 -16.85
CA LYS A 341 23.01 10.63 -16.32
C LYS A 341 22.72 10.79 -14.84
N VAL A 342 21.49 10.54 -14.39
CA VAL A 342 21.17 10.65 -12.96
C VAL A 342 21.93 9.59 -12.12
N GLN A 343 21.89 8.33 -12.53
CA GLN A 343 22.57 7.29 -11.76
C GLN A 343 24.10 7.50 -11.75
N ASN A 344 24.66 7.91 -12.91
CA ASN A 344 26.08 8.27 -12.99
C ASN A 344 26.48 9.31 -12.00
N ALA A 345 25.64 10.33 -11.80
CA ALA A 345 25.94 11.34 -10.79
C ALA A 345 26.03 10.73 -9.38
N SER A 346 25.13 9.80 -9.06
CA SER A 346 25.19 9.07 -7.78
C SER A 346 26.46 8.24 -7.59
N TYR A 347 26.89 7.52 -8.64
CA TYR A 347 28.13 6.73 -8.58
C TYR A 347 29.38 7.61 -8.50
N GLN A 348 29.36 8.75 -9.17
CA GLN A 348 30.48 9.69 -9.10
C GLN A 348 30.65 10.21 -7.66
N VAL A 349 29.53 10.52 -6.99
CA VAL A 349 29.53 10.89 -5.56
C VAL A 349 30.00 9.75 -4.61
N ALA A 350 29.48 8.53 -4.78
CA ALA A 350 30.00 7.38 -4.00
C ALA A 350 31.52 7.17 -4.19
N ALA A 351 31.99 7.21 -5.44
CA ALA A 351 33.43 7.03 -5.72
C ALA A 351 34.31 8.13 -5.06
N TYR A 352 33.84 9.39 -5.08
CA TYR A 352 34.52 10.49 -4.41
C TYR A 352 34.65 10.26 -2.90
N LEU A 353 33.55 9.91 -2.25
CA LEU A 353 33.55 9.61 -0.83
C LEU A 353 34.41 8.36 -0.48
N ALA A 354 34.30 7.28 -1.25
CA ALA A 354 35.14 6.10 -0.99
C ALA A 354 36.61 6.53 -0.98
N ASP A 355 37.04 7.18 -2.06
CA ASP A 355 38.35 7.80 -2.23
C ASP A 355 38.85 8.63 -1.04
N GLU A 356 38.11 9.67 -0.70
CA GLU A 356 38.46 10.61 0.38
C GLU A 356 38.41 10.01 1.78
N ILE A 357 37.37 9.22 2.10
CA ILE A 357 37.29 8.61 3.43
C ILE A 357 38.45 7.63 3.69
N ALA A 358 38.93 6.98 2.63
CA ALA A 358 40.05 6.01 2.72
C ALA A 358 41.36 6.65 3.26
N LYS A 359 41.50 7.97 3.10
CA LYS A 359 42.69 8.71 3.55
C LYS A 359 42.67 9.05 5.01
N LEU A 360 41.52 8.89 5.64
CA LEU A 360 41.27 9.42 6.98
C LEU A 360 41.40 8.40 8.09
N GLY A 361 41.60 7.13 7.72
CA GLY A 361 41.64 6.10 8.76
C GLY A 361 41.92 4.70 8.28
N PRO A 362 42.06 3.79 9.24
CA PRO A 362 42.43 2.40 8.95
C PRO A 362 41.18 1.59 8.61
N TYR A 363 40.68 1.75 7.39
CA TYR A 363 39.39 1.20 7.00
C TYR A 363 39.49 0.13 5.90
N GLU A 364 38.60 -0.84 5.95
CA GLU A 364 38.52 -1.86 4.92
C GLU A 364 37.15 -1.68 4.26
N PHE A 365 37.13 -1.51 2.93
CA PHE A 365 35.90 -1.27 2.17
C PHE A 365 35.29 -2.54 1.65
N ILE A 366 34.00 -2.70 1.94
CA ILE A 366 33.17 -3.77 1.44
C ILE A 366 32.49 -3.35 0.14
N CYS A 367 32.19 -2.05 0.02
CA CYS A 367 31.56 -1.48 -1.20
C CYS A 367 32.11 -0.09 -1.40
N THR A 368 32.54 0.22 -2.62
CA THR A 368 33.12 1.52 -2.93
C THR A 368 32.38 2.23 -4.06
N GLY A 369 31.12 1.88 -4.33
CA GLY A 369 30.37 2.55 -5.37
C GLY A 369 30.80 2.31 -6.82
N ARG A 370 31.33 1.12 -7.11
CA ARG A 370 31.60 0.75 -8.51
C ARG A 370 30.32 0.21 -9.15
N PRO A 371 29.94 0.69 -10.33
CA PRO A 371 28.73 0.19 -10.98
C PRO A 371 28.76 -1.26 -11.42
N ASP A 372 29.92 -1.88 -11.63
CA ASP A 372 29.94 -3.28 -12.05
C ASP A 372 29.82 -4.23 -10.86
N GLU A 373 29.90 -3.69 -9.63
CA GLU A 373 29.85 -4.52 -8.43
C GLU A 373 28.63 -4.32 -7.52
N GLY A 374 27.94 -3.19 -7.66
CA GLY A 374 26.81 -2.92 -6.79
C GLY A 374 26.16 -1.58 -7.02
N ILE A 375 25.53 -1.06 -5.97
CA ILE A 375 24.71 0.17 -6.02
C ILE A 375 25.61 1.35 -5.56
N PRO A 376 25.16 2.62 -5.69
CA PRO A 376 25.99 3.76 -5.28
C PRO A 376 25.97 3.95 -3.78
N ALA A 377 26.73 3.12 -3.05
CA ALA A 377 26.84 3.15 -1.61
C ALA A 377 28.31 3.09 -1.23
N VAL A 378 28.64 3.62 -0.06
CA VAL A 378 29.96 3.42 0.54
C VAL A 378 29.77 2.57 1.80
N CYS A 379 30.47 1.46 1.89
CA CYS A 379 30.36 0.59 3.06
C CYS A 379 31.76 0.10 3.50
N PHE A 380 32.09 0.31 4.77
CA PHE A 380 33.42 0.01 5.27
C PHE A 380 33.38 -0.36 6.75
N LYS A 381 34.44 -1.06 7.19
CA LYS A 381 34.64 -1.41 8.59
C LYS A 381 36.01 -0.91 9.01
N LEU A 382 36.28 -0.93 10.31
CA LEU A 382 37.64 -0.72 10.80
C LEU A 382 38.45 -1.97 10.46
N LYS A 383 39.68 -1.78 10.01
CA LYS A 383 40.57 -2.90 9.70
C LYS A 383 40.78 -3.78 10.93
N ASP A 384 40.77 -5.10 10.72
CA ASP A 384 41.02 -6.06 11.79
C ASP A 384 42.36 -5.77 12.48
N GLY A 385 42.36 -5.76 13.81
CA GLY A 385 43.60 -5.55 14.55
C GLY A 385 43.68 -4.18 15.19
N GLU A 386 43.63 -3.15 14.34
CA GLU A 386 43.72 -1.74 14.75
C GLU A 386 42.58 -1.24 15.65
N ASP A 387 42.95 -0.36 16.57
CA ASP A 387 42.01 0.39 17.41
C ASP A 387 42.47 1.87 17.38
N PRO A 388 41.82 2.70 16.56
CA PRO A 388 42.20 4.13 16.46
C PRO A 388 41.60 5.01 17.57
N GLY A 389 41.04 4.40 18.61
CA GLY A 389 40.45 5.17 19.68
C GLY A 389 38.98 5.53 19.52
N TYR A 390 38.28 4.94 18.55
CA TYR A 390 36.84 5.20 18.41
C TYR A 390 36.23 4.00 17.73
N THR A 391 34.94 3.76 17.93
CA THR A 391 34.19 2.83 17.08
C THR A 391 33.39 3.59 16.01
N LEU A 392 32.81 2.85 15.07
CA LEU A 392 32.00 3.48 14.03
C LEU A 392 30.67 4.01 14.62
N TYR A 393 30.22 3.44 15.75
CA TYR A 393 29.13 4.02 16.54
C TYR A 393 29.42 5.44 17.08
N ASP A 394 30.63 5.66 17.62
CA ASP A 394 30.99 7.00 18.06
C ASP A 394 30.98 7.97 16.89
N LEU A 395 31.49 7.52 15.74
CA LEU A 395 31.56 8.38 14.55
C LEU A 395 30.17 8.79 14.08
N SER A 396 29.24 7.84 14.11
CA SER A 396 27.86 8.04 13.68
C SER A 396 27.15 9.05 14.57
N GLU A 397 27.43 8.96 15.86
CA GLU A 397 26.85 9.88 16.84
C GLU A 397 27.37 11.32 16.65
N ARG A 398 28.67 11.49 16.36
CA ARG A 398 29.21 12.84 16.13
C ARG A 398 28.54 13.51 14.89
N LEU A 399 28.37 12.72 13.82
CA LEU A 399 27.73 13.16 12.58
C LEU A 399 26.27 13.56 12.78
N ARG A 400 25.58 12.86 13.67
CA ARG A 400 24.21 13.24 14.03
C ARG A 400 24.07 14.67 14.66
N LEU A 401 25.11 15.17 15.30
CA LEU A 401 25.06 16.52 15.88
C LEU A 401 24.87 17.60 14.80
N ARG A 402 25.19 17.24 13.55
CA ARG A 402 25.05 18.15 12.43
C ARG A 402 23.85 17.80 11.55
N GLY A 403 23.06 16.82 12.02
CA GLY A 403 21.79 16.46 11.40
C GLY A 403 21.84 15.27 10.47
N TRP A 404 23.03 14.72 10.23
CA TRP A 404 23.20 13.59 9.31
C TRP A 404 22.79 12.27 9.97
N GLN A 405 22.06 11.41 9.26
CA GLN A 405 21.82 10.05 9.73
C GLN A 405 22.67 9.10 8.91
N VAL A 406 23.74 8.61 9.53
CA VAL A 406 24.68 7.73 8.84
C VAL A 406 24.79 6.49 9.75
N PRO A 407 24.21 5.36 9.30
CA PRO A 407 24.10 4.18 10.17
C PRO A 407 25.42 3.39 10.29
N ALA A 408 25.68 2.95 11.53
CA ALA A 408 26.63 1.88 11.84
C ALA A 408 25.84 0.73 12.48
N PHE A 409 26.19 -0.52 12.11
CA PHE A 409 25.44 -1.70 12.56
C PHE A 409 26.28 -2.96 12.34
N THR A 410 25.98 -4.02 13.10
CA THR A 410 26.65 -5.31 12.88
C THR A 410 26.00 -6.04 11.74
N LEU A 411 26.79 -6.83 11.00
CA LEU A 411 26.27 -7.74 9.99
C LEU A 411 25.57 -8.94 10.66
N GLY A 412 24.79 -9.68 9.89
CA GLY A 412 24.06 -10.80 10.49
C GLY A 412 24.77 -12.14 10.32
N GLY A 413 24.00 -13.20 10.55
CA GLY A 413 24.46 -14.55 10.31
C GLY A 413 25.65 -14.88 11.16
N GLU A 414 26.70 -15.36 10.50
CA GLU A 414 27.92 -15.73 11.21
C GLU A 414 28.96 -14.62 11.10
N ALA A 415 28.52 -13.39 10.86
CA ALA A 415 29.42 -12.24 10.82
C ALA A 415 29.00 -11.18 11.84
N THR A 416 28.33 -11.58 12.93
CA THR A 416 27.80 -10.62 13.91
C THR A 416 28.88 -9.90 14.72
N ASP A 417 30.16 -10.23 14.49
CA ASP A 417 31.31 -9.52 15.07
C ASP A 417 31.78 -8.32 14.23
N ILE A 418 31.32 -8.23 12.97
CA ILE A 418 31.70 -7.16 12.06
C ILE A 418 30.73 -5.97 12.12
N VAL A 419 31.27 -4.81 12.50
CA VAL A 419 30.53 -3.54 12.51
C VAL A 419 30.88 -2.80 11.22
N VAL A 420 29.87 -2.36 10.47
CA VAL A 420 30.09 -1.56 9.29
C VAL A 420 29.37 -0.21 9.39
N MET A 421 29.86 0.74 8.58
CA MET A 421 29.18 1.99 8.35
C MET A 421 28.77 2.00 6.89
N ARG A 422 27.53 2.41 6.61
CA ARG A 422 27.02 2.49 5.22
C ARG A 422 26.49 3.88 4.87
N ILE A 423 26.95 4.44 3.76
CA ILE A 423 26.45 5.74 3.27
C ILE A 423 25.76 5.53 1.92
N MET A 424 24.47 5.92 1.82
CA MET A 424 23.70 5.83 0.56
C MET A 424 23.80 7.15 -0.21
N CYS A 425 24.12 7.07 -1.51
CA CYS A 425 24.23 8.24 -2.40
C CYS A 425 23.05 8.27 -3.40
N ARG A 426 22.01 9.02 -3.06
CA ARG A 426 20.76 9.01 -3.84
C ARG A 426 20.68 10.25 -4.72
N ARG A 427 19.65 10.32 -5.58
CA ARG A 427 19.34 11.57 -6.25
C ARG A 427 19.14 12.67 -5.22
N GLY A 428 19.77 13.83 -5.45
CA GLY A 428 19.64 14.94 -4.52
C GLY A 428 20.73 14.92 -3.47
N PHE A 429 21.79 14.16 -3.71
CA PHE A 429 22.94 14.21 -2.82
C PHE A 429 24.11 14.54 -3.71
N GLU A 430 24.18 15.82 -4.08
CA GLU A 430 25.07 16.24 -5.15
C GLU A 430 26.48 16.43 -4.58
N MET A 431 27.45 16.51 -5.48
CA MET A 431 28.87 16.69 -5.11
C MET A 431 29.12 17.77 -4.04
N ASP A 432 28.52 18.94 -4.19
CA ASP A 432 28.79 20.02 -3.24
C ASP A 432 28.28 19.72 -1.82
N PHE A 433 27.11 19.09 -1.76
CA PHE A 433 26.48 18.65 -0.52
C PHE A 433 27.30 17.51 0.13
N ALA A 434 27.83 16.58 -0.67
CA ALA A 434 28.67 15.49 -0.16
C ALA A 434 30.01 16.01 0.40
N GLU A 435 30.55 17.07 -0.17
CA GLU A 435 31.75 17.72 0.37
C GLU A 435 31.49 18.23 1.80
N LEU A 436 30.27 18.71 2.05
CA LEU A 436 29.95 19.17 3.41
C LEU A 436 29.90 18.01 4.43
N LEU A 437 29.36 16.86 4.03
CA LEU A 437 29.43 15.65 4.82
C LEU A 437 30.92 15.29 5.12
N LEU A 438 31.78 15.33 4.10
CA LEU A 438 33.21 15.02 4.27
C LEU A 438 33.97 15.98 5.24
N GLU A 439 33.65 17.29 5.17
CA GLU A 439 34.17 18.23 6.12
C GLU A 439 33.72 17.90 7.55
N ASP A 440 32.47 17.42 7.73
CA ASP A 440 32.00 17.05 9.07
C ASP A 440 32.63 15.76 9.54
N TYR A 441 32.97 14.89 8.62
CA TYR A 441 33.61 13.64 8.94
C TYR A 441 35.03 13.96 9.47
N LYS A 442 35.70 14.87 8.79
CA LYS A 442 37.02 15.35 9.19
C LYS A 442 36.97 16.02 10.53
N ALA A 443 35.96 16.87 10.79
CA ALA A 443 35.83 17.51 12.09
C ALA A 443 35.56 16.51 13.22
N SER A 444 34.71 15.51 12.95
CA SER A 444 34.40 14.48 13.91
C SER A 444 35.60 13.66 14.34
N LEU A 445 36.47 13.30 13.40
CA LEU A 445 37.66 12.52 13.69
C LEU A 445 38.65 13.33 14.55
N LYS A 446 38.86 14.59 14.17
CA LYS A 446 39.66 15.50 14.99
C LYS A 446 39.14 15.52 16.45
N TYR A 447 37.83 15.75 16.64
CA TYR A 447 37.24 15.76 17.98
C TYR A 447 37.54 14.44 18.74
N LEU A 448 37.33 13.32 18.06
CA LEU A 448 37.48 12.00 18.68
C LEU A 448 38.93 11.70 19.09
N SER A 449 39.88 12.17 18.27
CA SER A 449 41.29 12.02 18.57
C SER A 449 41.70 12.87 19.80
N ASP A 450 41.03 14.01 20.02
CA ASP A 450 41.27 14.87 21.20
C ASP A 450 40.54 14.43 22.47
N HIS A 451 39.75 13.35 22.38
CA HIS A 451 39.01 12.84 23.53
C HIS A 451 39.19 11.31 23.64
N LYS B 4 21.56 21.53 -40.16
CA LYS B 4 20.16 21.61 -39.67
C LYS B 4 20.07 21.45 -38.15
N LEU B 5 20.94 20.61 -37.57
CA LEU B 5 20.90 20.35 -36.12
C LEU B 5 21.03 21.62 -35.25
N LEU B 6 21.66 22.67 -35.79
CA LEU B 6 21.83 23.94 -35.07
C LEU B 6 20.49 24.65 -34.83
N THR B 7 19.65 24.71 -35.87
CA THR B 7 18.34 25.34 -35.72
C THR B 7 17.34 24.46 -34.95
N ASP B 8 17.54 23.15 -35.00
CA ASP B 8 16.75 22.21 -34.20
C ASP B 8 16.85 22.56 -32.71
N PHE B 9 18.07 22.87 -32.26
CA PHE B 9 18.29 23.28 -30.88
C PHE B 9 17.65 24.62 -30.57
N ARG B 10 17.70 25.55 -31.53
CA ARG B 10 17.09 26.85 -31.35
C ARG B 10 15.59 26.68 -31.08
N SER B 11 14.95 25.83 -31.90
CA SER B 11 13.53 25.57 -31.79
C SER B 11 13.16 24.86 -30.46
N GLU B 12 13.95 23.87 -30.08
CA GLU B 12 13.82 23.24 -28.78
C GLU B 12 13.87 24.24 -27.61
N LEU B 13 14.73 25.26 -27.74
CA LEU B 13 14.83 26.32 -26.72
C LEU B 13 13.63 27.25 -26.69
N LEU B 14 13.23 27.73 -27.87
CA LEU B 14 12.36 28.89 -28.00
C LEU B 14 10.88 28.59 -28.27
N ASP B 15 10.58 27.43 -28.85
CA ASP B 15 9.22 27.04 -29.22
C ASP B 15 8.26 26.95 -28.02
N SER B 16 7.02 27.41 -28.20
CA SER B 16 5.97 27.22 -27.21
C SER B 16 5.69 25.73 -27.12
N ARG B 17 5.00 25.28 -26.07
CA ARG B 17 4.89 23.84 -25.88
C ARG B 17 4.05 23.14 -26.93
N PHE B 18 3.09 23.86 -27.52
CA PHE B 18 2.24 23.22 -28.51
C PHE B 18 2.80 23.32 -29.93
N GLY B 19 3.79 24.19 -30.11
CA GLY B 19 4.44 24.31 -31.38
C GLY B 19 5.67 23.44 -31.44
N ALA B 20 6.15 22.93 -30.31
CA ALA B 20 7.43 22.23 -30.25
C ALA B 20 7.39 20.92 -31.04
N LYS B 21 8.50 20.61 -31.69
CA LYS B 21 8.62 19.33 -32.39
C LYS B 21 8.39 18.11 -31.44
N ALA B 22 8.77 18.21 -30.16
CA ALA B 22 8.58 17.09 -29.22
C ALA B 22 7.12 16.66 -29.02
N ILE B 23 6.17 17.58 -29.23
CA ILE B 23 4.77 17.25 -28.91
C ILE B 23 3.99 16.77 -30.14
N SER B 24 4.71 16.59 -31.24
CA SER B 24 4.13 16.16 -32.51
C SER B 24 3.91 14.64 -32.59
N THR B 25 4.41 13.86 -31.63
CA THR B 25 4.19 12.39 -31.68
C THR B 25 3.30 11.85 -30.56
N ILE B 26 2.69 10.70 -30.83
CA ILE B 26 1.95 9.93 -29.82
C ILE B 26 2.92 9.40 -28.78
N ALA B 27 2.50 9.43 -27.50
CA ALA B 27 3.36 9.03 -26.40
C ALA B 27 3.74 7.54 -26.46
N GLU B 28 4.99 7.25 -26.10
CA GLU B 28 5.46 5.86 -26.03
C GLU B 28 4.62 4.98 -25.09
N SER B 29 4.30 3.77 -25.54
CA SER B 29 3.43 2.88 -24.78
C SER B 29 3.95 1.44 -24.73
N LYS B 30 5.06 1.15 -25.41
CA LYS B 30 5.52 -0.24 -25.56
C LYS B 30 6.96 -0.50 -25.08
N ARG B 31 7.89 0.44 -25.33
CA ARG B 31 9.29 0.20 -24.95
C ARG B 31 9.82 1.37 -24.11
N PHE B 32 10.87 1.10 -23.34
CA PHE B 32 11.54 2.17 -22.61
C PHE B 32 12.14 3.18 -23.59
N PRO B 33 11.74 4.46 -23.46
CA PRO B 33 12.21 5.52 -24.37
C PRO B 33 13.73 5.73 -24.28
N LEU B 34 14.38 6.11 -25.37
CA LEU B 34 15.81 6.37 -25.35
C LEU B 34 16.23 7.79 -24.87
N HIS B 35 15.53 8.81 -25.34
CA HIS B 35 16.00 10.20 -25.18
C HIS B 35 15.30 10.96 -24.04
N GLU B 36 15.99 11.93 -23.41
CA GLU B 36 15.29 12.91 -22.57
C GLU B 36 14.35 13.75 -23.45
N MET B 37 13.31 14.31 -22.84
CA MET B 37 12.49 15.28 -23.53
C MET B 37 12.23 16.50 -22.63
N ARG B 38 11.91 17.63 -23.28
CA ARG B 38 11.63 18.86 -22.56
C ARG B 38 10.58 18.56 -21.49
N ASP B 39 10.85 18.98 -20.26
CA ASP B 39 10.00 18.58 -19.13
C ASP B 39 8.58 19.18 -19.16
N ASP B 40 8.40 20.37 -19.75
CA ASP B 40 7.06 20.95 -19.82
C ASP B 40 6.16 20.14 -20.79
N VAL B 41 6.75 19.60 -21.86
CA VAL B 41 6.02 18.80 -22.84
C VAL B 41 5.63 17.44 -22.25
N ALA B 42 6.54 16.81 -21.48
CA ALA B 42 6.28 15.52 -20.82
C ALA B 42 5.15 15.66 -19.82
N PHE B 43 5.21 16.73 -19.02
CA PHE B 43 4.14 17.02 -18.09
C PHE B 43 2.78 17.30 -18.81
N GLN B 44 2.80 18.10 -19.87
CA GLN B 44 1.54 18.52 -20.54
C GLN B 44 0.78 17.34 -21.15
N ILE B 45 1.52 16.45 -21.81
CA ILE B 45 0.93 15.30 -22.48
C ILE B 45 0.21 14.40 -21.46
N ILE B 46 0.85 14.17 -20.31
CA ILE B 46 0.29 13.36 -19.25
C ILE B 46 -0.89 14.02 -18.53
N ASN B 47 -0.76 15.29 -18.18
CA ASN B 47 -1.86 16.13 -17.70
C ASN B 47 -3.11 16.01 -18.57
N ASP B 48 -2.92 16.10 -19.87
CA ASP B 48 -4.00 16.10 -20.83
C ASP B 48 -4.67 14.69 -20.96
N GLU B 49 -3.85 13.63 -21.01
CA GLU B 49 -4.42 12.26 -20.98
C GLU B 49 -5.38 12.06 -19.80
N LEU B 50 -5.02 12.59 -18.63
CA LEU B 50 -5.78 12.33 -17.40
C LEU B 50 -7.18 12.96 -17.43
N TYR B 51 -7.44 13.88 -18.37
CA TYR B 51 -8.82 14.36 -18.56
C TYR B 51 -9.80 13.18 -18.85
N LEU B 52 -9.29 12.11 -19.47
CA LEU B 52 -10.16 10.96 -19.83
C LEU B 52 -10.52 10.09 -18.64
N ASP B 53 -9.95 10.38 -17.47
CA ASP B 53 -10.46 9.79 -16.23
C ASP B 53 -11.89 10.29 -15.88
N GLY B 54 -12.23 11.49 -16.36
CA GLY B 54 -13.45 12.15 -15.97
C GLY B 54 -13.32 12.90 -14.64
N ASN B 55 -14.46 13.39 -14.15
CA ASN B 55 -14.46 14.21 -12.96
C ASN B 55 -14.80 13.40 -11.72
N ALA B 56 -13.82 13.30 -10.81
CA ALA B 56 -14.00 12.47 -9.61
C ALA B 56 -15.14 12.97 -8.73
N ARG B 57 -15.44 14.28 -8.76
CA ARG B 57 -16.52 14.81 -7.91
C ARG B 57 -17.90 14.34 -8.38
N GLN B 58 -17.96 13.98 -9.67
CA GLN B 58 -19.18 13.45 -10.24
C GLN B 58 -19.23 11.90 -10.27
N ASN B 59 -18.16 11.25 -9.77
CA ASN B 59 -18.15 9.79 -9.63
C ASN B 59 -18.94 9.41 -8.38
N LEU B 60 -20.15 8.89 -8.58
CA LEU B 60 -21.01 8.54 -7.44
C LEU B 60 -20.99 7.04 -7.17
N ALA B 61 -20.14 6.30 -7.88
CA ALA B 61 -19.92 4.86 -7.61
C ALA B 61 -18.96 4.61 -6.44
N THR B 62 -17.89 5.38 -6.34
CA THR B 62 -16.85 5.18 -5.29
C THR B 62 -17.32 5.56 -3.86
N PHE B 63 -16.77 4.86 -2.86
CA PHE B 63 -16.97 5.19 -1.46
C PHE B 63 -15.82 6.03 -0.89
N CYS B 64 -14.75 6.20 -1.67
CA CYS B 64 -13.50 6.83 -1.20
C CYS B 64 -13.49 8.37 -1.38
N GLN B 65 -12.67 9.06 -0.59
CA GLN B 65 -12.63 10.54 -0.56
C GLN B 65 -12.29 11.11 -1.94
N THR B 66 -13.11 12.04 -2.43
CA THR B 66 -12.80 12.71 -3.68
C THR B 66 -12.65 14.19 -3.47
N TRP B 67 -12.43 14.62 -2.24
CA TRP B 67 -12.13 16.04 -1.94
C TRP B 67 -11.32 16.02 -0.65
N ASP B 68 -10.33 16.91 -0.52
CA ASP B 68 -9.60 17.07 0.75
C ASP B 68 -9.37 18.54 1.02
N ASP B 69 -9.37 18.94 2.29
CA ASP B 69 -9.21 20.36 2.58
C ASP B 69 -7.78 20.87 2.26
N GLU B 70 -7.61 22.18 2.25
CA GLU B 70 -6.35 22.79 1.85
C GLU B 70 -5.19 22.40 2.77
N ASN B 71 -5.46 22.23 4.06
CA ASN B 71 -4.40 21.77 4.99
C ASN B 71 -3.94 20.35 4.68
N VAL B 72 -4.87 19.50 4.23
CA VAL B 72 -4.49 18.12 3.83
C VAL B 72 -3.63 18.09 2.57
N HIS B 73 -3.97 18.94 1.58
CA HIS B 73 -3.11 19.09 0.40
C HIS B 73 -1.69 19.47 0.84
N LYS B 74 -1.55 20.45 1.75
CA LYS B 74 -0.22 20.91 2.25
C LYS B 74 0.53 19.83 3.01
N LEU B 75 -0.17 19.18 3.95
CA LEU B 75 0.45 18.14 4.79
C LEU B 75 0.93 16.95 3.96
N MET B 76 0.14 16.58 2.94
CA MET B 76 0.50 15.44 2.06
C MET B 76 1.75 15.79 1.24
N ASP B 77 1.77 17.03 0.70
CA ASP B 77 2.93 17.51 -0.06
C ASP B 77 4.20 17.56 0.81
N LEU B 78 4.07 18.08 2.03
CA LEU B 78 5.17 18.10 3.02
C LEU B 78 5.68 16.70 3.38
N SER B 79 4.81 15.70 3.24
CA SER B 79 5.10 14.36 3.71
C SER B 79 5.37 13.37 2.59
N ILE B 80 5.48 13.87 1.35
CA ILE B 80 5.68 13.00 0.16
C ILE B 80 6.87 12.07 0.28
N ASN B 81 7.88 12.46 1.06
CA ASN B 81 9.08 11.64 1.20
C ASN B 81 9.25 10.97 2.56
N LYS B 82 8.25 11.08 3.43
CA LYS B 82 8.34 10.54 4.79
C LYS B 82 7.91 9.06 4.77
N ASN B 83 8.79 8.15 5.22
CA ASN B 83 8.59 6.70 5.08
C ASN B 83 7.95 6.10 6.34
N TRP B 84 6.69 5.67 6.21
CA TRP B 84 5.96 5.10 7.36
C TRP B 84 6.66 3.94 8.11
N ILE B 85 7.40 3.09 7.41
CA ILE B 85 7.97 1.91 8.06
C ILE B 85 9.28 2.20 8.85
N ASP B 86 9.93 3.32 8.53
CA ASP B 86 11.23 3.65 9.08
C ASP B 86 11.04 4.41 10.39
N LYS B 87 10.67 3.66 11.43
CA LYS B 87 10.27 4.28 12.70
C LYS B 87 11.40 5.03 13.36
N GLU B 88 12.62 4.49 13.29
CA GLU B 88 13.81 5.19 13.81
C GLU B 88 14.14 6.44 12.99
N GLU B 89 13.96 6.37 11.67
CA GLU B 89 14.43 7.48 10.82
C GLU B 89 13.46 8.69 10.75
N TYR B 90 12.14 8.40 10.94
CA TYR B 90 11.11 9.45 10.98
C TYR B 90 10.33 9.26 12.29
N PRO B 91 10.96 9.54 13.42
CA PRO B 91 10.41 9.17 14.74
C PRO B 91 9.13 9.90 15.17
N GLN B 92 8.91 11.17 14.76
CA GLN B 92 7.71 11.86 15.18
C GLN B 92 6.48 11.45 14.34
N SER B 93 6.67 11.19 13.05
CA SER B 93 5.63 10.56 12.21
C SER B 93 5.18 9.21 12.86
N ALA B 94 6.16 8.40 13.29
CA ALA B 94 5.88 7.15 14.01
C ALA B 94 5.05 7.42 15.29
N ALA B 95 5.42 8.45 16.08
CA ALA B 95 4.66 8.80 17.29
C ALA B 95 3.23 9.25 16.96
N ILE B 96 3.05 10.04 15.92
CA ILE B 96 1.69 10.40 15.49
C ILE B 96 0.86 9.18 15.10
N ASP B 97 1.46 8.21 14.41
CA ASP B 97 0.76 6.99 14.02
C ASP B 97 0.17 6.26 15.25
N LEU B 98 0.99 6.14 16.30
CA LEU B 98 0.62 5.47 17.53
C LEU B 98 -0.48 6.16 18.28
N ARG B 99 -0.49 7.50 18.27
CA ARG B 99 -1.63 8.24 18.81
C ARG B 99 -2.94 7.91 18.06
N CYS B 100 -2.87 7.84 16.73
CA CYS B 100 -4.05 7.49 15.93
C CYS B 100 -4.62 6.11 16.34
N VAL B 101 -3.72 5.15 16.59
CA VAL B 101 -4.14 3.82 17.05
C VAL B 101 -4.96 3.98 18.34
N ASN B 102 -4.48 4.78 19.30
CA ASN B 102 -5.19 4.91 20.59
C ASN B 102 -6.57 5.48 20.37
N MET B 103 -6.63 6.55 19.55
CA MET B 103 -7.85 7.27 19.27
C MET B 103 -8.91 6.43 18.54
N VAL B 104 -8.51 5.58 17.61
CA VAL B 104 -9.45 4.71 16.88
C VAL B 104 -9.96 3.60 17.85
N ALA B 105 -9.07 3.07 18.67
CA ALA B 105 -9.43 2.06 19.66
C ALA B 105 -10.48 2.62 20.65
N ASP B 106 -10.25 3.85 21.11
CA ASP B 106 -11.15 4.54 21.98
C ASP B 106 -12.53 4.77 21.34
N LEU B 107 -12.53 5.15 20.06
CA LEU B 107 -13.78 5.31 19.34
C LEU B 107 -14.59 3.99 19.29
N TRP B 108 -13.89 2.86 19.19
CA TRP B 108 -14.59 1.57 19.04
C TRP B 108 -14.81 0.86 20.37
N HIS B 109 -14.59 1.58 21.49
CA HIS B 109 -14.77 1.05 22.86
C HIS B 109 -13.87 -0.13 23.18
N ALA B 110 -12.63 -0.10 22.73
CA ALA B 110 -11.69 -1.16 23.10
C ALA B 110 -11.41 -1.07 24.60
N PRO B 111 -11.24 -2.21 25.28
CA PRO B 111 -10.87 -2.19 26.71
C PRO B 111 -9.64 -1.28 26.96
N ALA B 112 -9.68 -0.45 28.00
CA ALA B 112 -8.60 0.52 28.33
C ALA B 112 -7.30 -0.23 28.42
N PRO B 113 -6.31 0.11 27.60
CA PRO B 113 -5.10 -0.71 27.47
C PRO B 113 -4.18 -0.62 28.70
N LYS B 114 -3.54 -1.74 29.06
CA LYS B 114 -2.73 -1.81 30.31
C LYS B 114 -1.61 -0.74 30.40
N ASN B 115 -0.66 -0.81 29.47
CA ASN B 115 0.48 0.11 29.37
C ASN B 115 0.21 1.41 28.60
N GLY B 116 -1.05 1.78 28.40
CA GLY B 116 -1.38 3.02 27.73
C GLY B 116 -1.20 3.03 26.21
N GLN B 117 -0.98 1.88 25.58
CA GLN B 117 -0.94 1.79 24.10
C GLN B 117 -1.84 0.67 23.58
N ALA B 118 -2.87 1.04 22.82
CA ALA B 118 -3.76 0.04 22.23
C ALA B 118 -3.05 -0.87 21.22
N VAL B 119 -3.64 -2.04 20.99
CA VAL B 119 -3.10 -3.02 20.04
C VAL B 119 -3.76 -2.90 18.65
N GLY B 120 -2.95 -2.56 17.65
CA GLY B 120 -3.48 -2.29 16.32
C GLY B 120 -2.46 -1.62 15.42
N THR B 121 -2.81 -1.41 14.15
CA THR B 121 -1.88 -0.76 13.26
C THR B 121 -2.61 -0.04 12.14
N ASN B 122 -1.93 0.95 11.59
CA ASN B 122 -2.30 1.57 10.33
C ASN B 122 -1.98 0.58 9.19
N THR B 123 -2.77 0.64 8.13
CA THR B 123 -2.51 -0.07 6.89
C THR B 123 -2.77 0.86 5.68
N ILE B 124 -2.57 0.34 4.48
CA ILE B 124 -2.84 1.09 3.24
C ILE B 124 -4.35 1.24 3.03
N GLY B 125 -5.12 0.31 3.61
CA GLY B 125 -6.55 0.20 3.36
C GLY B 125 -7.16 -0.99 4.11
N SER B 126 -8.46 -1.17 3.96
CA SER B 126 -9.14 -2.26 4.67
C SER B 126 -8.66 -3.60 4.13
N SER B 127 -8.21 -3.64 2.87
CA SER B 127 -7.81 -4.91 2.25
C SER B 127 -6.65 -5.53 3.06
N GLU B 128 -5.52 -4.82 3.14
CA GLU B 128 -4.43 -5.25 4.01
C GLU B 128 -4.93 -5.50 5.45
N ALA B 129 -5.75 -4.62 6.01
CA ALA B 129 -6.24 -4.77 7.39
C ALA B 129 -7.06 -6.06 7.60
N CYS B 130 -7.96 -6.38 6.67
CA CYS B 130 -8.66 -7.67 6.61
C CYS B 130 -7.76 -8.92 6.48
N MET B 131 -6.70 -8.85 5.67
CA MET B 131 -5.77 -9.98 5.60
C MET B 131 -5.05 -10.21 6.92
N LEU B 132 -4.71 -9.11 7.61
CA LEU B 132 -4.07 -9.20 8.93
C LEU B 132 -5.00 -9.77 10.02
N GLY B 133 -6.24 -9.27 10.06
CA GLY B 133 -7.26 -9.81 10.95
C GLY B 133 -7.50 -11.29 10.65
N GLY B 134 -7.47 -11.63 9.37
CA GLY B 134 -7.74 -12.98 8.90
C GLY B 134 -6.62 -13.97 9.24
N MET B 135 -5.37 -13.58 9.04
CA MET B 135 -4.23 -14.35 9.51
C MET B 135 -4.30 -14.51 11.03
N ALA B 136 -4.59 -13.44 11.77
CA ALA B 136 -4.67 -13.61 13.24
C ALA B 136 -5.73 -14.64 13.67
N MET B 137 -6.90 -14.62 13.00
CA MET B 137 -7.94 -15.63 13.18
C MET B 137 -7.44 -17.05 12.90
N LYS B 138 -6.81 -17.25 11.75
CA LYS B 138 -6.32 -18.58 11.37
C LYS B 138 -5.32 -19.12 12.40
N TRP B 139 -4.42 -18.26 12.88
CA TRP B 139 -3.42 -18.63 13.88
C TRP B 139 -4.03 -18.92 15.28
N ARG B 140 -4.94 -18.08 15.77
CA ARG B 140 -5.64 -18.35 17.05
C ARG B 140 -6.39 -19.70 16.99
N TRP B 141 -7.02 -19.98 15.84
CA TRP B 141 -7.75 -21.24 15.63
C TRP B 141 -6.79 -22.42 15.63
N ARG B 142 -5.68 -22.33 14.89
CA ARG B 142 -4.67 -23.39 14.86
C ARG B 142 -4.21 -23.81 16.26
N LYS B 143 -3.88 -22.80 17.09
CA LYS B 143 -3.43 -23.03 18.47
C LYS B 143 -4.50 -23.75 19.29
N ARG B 144 -5.75 -23.35 19.12
CA ARG B 144 -6.86 -23.95 19.84
C ARG B 144 -7.05 -25.39 19.42
N MET B 145 -6.91 -25.67 18.13
CA MET B 145 -7.06 -27.02 17.59
C MET B 145 -5.92 -27.95 17.99
N GLU B 146 -4.72 -27.39 18.11
CA GLU B 146 -3.56 -28.12 18.59
C GLU B 146 -3.71 -28.48 20.07
N ALA B 147 -4.13 -27.54 20.92
CA ALA B 147 -4.41 -27.86 22.31
C ALA B 147 -5.39 -29.06 22.49
N ALA B 148 -6.23 -29.32 21.48
CA ALA B 148 -7.27 -30.34 21.56
C ALA B 148 -6.93 -31.58 20.73
N GLY B 149 -5.75 -31.60 20.13
CA GLY B 149 -5.30 -32.71 19.30
C GLY B 149 -6.16 -33.03 18.08
N LYS B 150 -6.80 -32.01 17.50
CA LYS B 150 -7.56 -32.11 16.24
C LYS B 150 -6.67 -31.71 15.06
N PRO B 151 -6.95 -32.16 13.83
CA PRO B 151 -6.17 -31.70 12.66
C PRO B 151 -6.52 -30.25 12.28
N THR B 152 -5.57 -29.56 11.64
CA THR B 152 -5.71 -28.14 11.31
C THR B 152 -5.62 -27.87 9.80
N ASP B 153 -5.93 -28.89 8.99
CA ASP B 153 -5.70 -28.82 7.53
C ASP B 153 -6.91 -28.35 6.70
N LYS B 154 -8.07 -28.19 7.35
CA LYS B 154 -9.27 -27.73 6.66
C LYS B 154 -9.98 -26.52 7.33
N PRO B 155 -9.31 -25.38 7.51
CA PRO B 155 -10.00 -24.19 8.06
C PRO B 155 -11.13 -23.68 7.15
N ASN B 156 -12.24 -23.19 7.73
CA ASN B 156 -13.21 -22.42 6.98
C ASN B 156 -13.53 -21.06 7.61
N LEU B 157 -14.18 -20.18 6.85
CA LEU B 157 -14.49 -18.85 7.32
C LEU B 157 -15.95 -18.59 6.92
N VAL B 158 -16.77 -18.19 7.87
CA VAL B 158 -18.20 -17.95 7.59
C VAL B 158 -18.51 -16.46 7.43
N CYS B 159 -19.27 -16.10 6.39
CA CYS B 159 -19.51 -14.70 6.09
C CYS B 159 -20.74 -14.44 5.23
N GLY B 160 -21.12 -13.16 5.14
CA GLY B 160 -22.22 -12.72 4.33
C GLY B 160 -21.80 -12.20 2.95
N PRO B 161 -22.53 -11.23 2.40
CA PRO B 161 -22.20 -10.66 1.10
C PRO B 161 -20.94 -9.72 1.17
N VAL B 162 -19.75 -10.32 1.33
CA VAL B 162 -18.50 -9.59 1.54
C VAL B 162 -17.98 -8.97 0.28
N GLN B 163 -17.17 -7.93 0.49
CA GLN B 163 -16.30 -7.35 -0.54
C GLN B 163 -15.24 -8.35 -1.00
N ILE B 164 -14.75 -8.16 -2.24
CA ILE B 164 -13.89 -9.13 -2.91
C ILE B 164 -12.62 -9.52 -2.15
N CYS B 165 -12.14 -8.65 -1.25
CA CYS B 165 -10.88 -8.93 -0.54
C CYS B 165 -10.94 -10.22 0.27
N TRP B 166 -12.13 -10.57 0.77
CA TRP B 166 -12.30 -11.81 1.50
C TRP B 166 -12.23 -13.06 0.65
N HIS B 167 -12.65 -12.96 -0.61
CA HIS B 167 -12.41 -14.03 -1.53
C HIS B 167 -10.90 -14.16 -1.83
N LYS B 168 -10.21 -13.02 -1.92
CA LYS B 168 -8.75 -13.04 -2.09
C LYS B 168 -8.07 -13.68 -0.90
N PHE B 169 -8.52 -13.34 0.31
CA PHE B 169 -7.92 -13.90 1.54
C PHE B 169 -7.98 -15.43 1.52
N ALA B 170 -9.17 -15.96 1.21
CA ALA B 170 -9.45 -17.39 1.19
C ALA B 170 -8.58 -18.14 0.19
N ARG B 171 -8.47 -17.58 -1.02
CA ARG B 171 -7.61 -18.14 -2.06
C ARG B 171 -6.13 -18.12 -1.66
N TYR B 172 -5.65 -16.97 -1.19
CA TYR B 172 -4.21 -16.81 -0.89
C TYR B 172 -3.72 -17.57 0.37
N TRP B 173 -4.61 -17.71 1.37
CA TRP B 173 -4.29 -18.44 2.61
C TRP B 173 -4.93 -19.84 2.77
N ASP B 174 -5.45 -20.42 1.69
CA ASP B 174 -6.03 -21.78 1.70
C ASP B 174 -7.07 -22.03 2.79
N VAL B 175 -8.10 -21.17 2.84
CA VAL B 175 -9.19 -21.22 3.82
C VAL B 175 -10.44 -21.39 2.96
N GLU B 176 -11.32 -22.35 3.32
CA GLU B 176 -12.56 -22.54 2.56
C GLU B 176 -13.53 -21.42 2.93
N LEU B 177 -14.03 -20.72 1.91
CA LEU B 177 -14.99 -19.64 2.15
C LEU B 177 -16.44 -20.16 2.19
N ARG B 178 -17.11 -19.91 3.30
CA ARG B 178 -18.51 -20.29 3.44
C ARG B 178 -19.39 -19.03 3.42
N GLU B 179 -19.67 -18.52 2.21
CA GLU B 179 -20.47 -17.31 2.03
C GLU B 179 -21.96 -17.64 2.02
N ILE B 180 -22.71 -17.03 2.93
CA ILE B 180 -24.15 -17.13 2.91
C ILE B 180 -24.68 -16.25 1.74
N PRO B 181 -25.31 -16.85 0.73
CA PRO B 181 -25.76 -16.08 -0.45
C PRO B 181 -26.90 -15.07 -0.13
N MET B 182 -26.90 -13.93 -0.80
CA MET B 182 -28.10 -13.09 -0.82
C MET B 182 -29.23 -13.84 -1.54
N ARG B 183 -30.45 -13.66 -1.03
CA ARG B 183 -31.68 -14.12 -1.70
C ARG B 183 -32.77 -13.07 -1.54
N PRO B 184 -33.81 -13.07 -2.39
CA PRO B 184 -34.88 -12.06 -2.27
C PRO B 184 -35.49 -12.08 -0.88
N GLY B 185 -35.64 -10.93 -0.24
CA GLY B 185 -36.22 -10.89 1.09
C GLY B 185 -35.22 -10.92 2.22
N GLN B 186 -34.00 -11.38 1.93
CA GLN B 186 -32.91 -11.24 2.88
C GLN B 186 -31.53 -11.17 2.24
N LEU B 187 -31.12 -9.93 2.02
CA LEU B 187 -29.93 -9.61 1.31
C LEU B 187 -28.72 -9.53 2.27
N PHE B 188 -28.69 -10.40 3.28
CA PHE B 188 -27.66 -10.36 4.32
C PHE B 188 -27.61 -11.70 5.03
N MET B 189 -26.54 -11.91 5.80
CA MET B 189 -26.34 -13.09 6.63
C MET B 189 -27.22 -13.03 7.88
N ASP B 190 -28.19 -13.94 7.96
CA ASP B 190 -29.06 -14.08 9.14
C ASP B 190 -28.54 -15.15 10.11
N PRO B 191 -28.92 -15.08 11.39
CA PRO B 191 -28.38 -15.99 12.42
C PRO B 191 -28.61 -17.47 12.14
N LYS B 192 -29.76 -17.82 11.58
CA LYS B 192 -30.06 -19.24 11.31
C LYS B 192 -29.13 -19.82 10.24
N ARG B 193 -29.04 -19.17 9.08
CA ARG B 193 -28.14 -19.63 8.01
C ARG B 193 -26.68 -19.63 8.41
N MET B 194 -26.28 -18.64 9.21
CA MET B 194 -24.92 -18.58 9.72
C MET B 194 -24.59 -19.80 10.58
N ILE B 195 -25.43 -20.10 11.59
CA ILE B 195 -25.20 -21.23 12.47
C ILE B 195 -25.12 -22.55 11.69
N GLU B 196 -25.98 -22.71 10.68
CA GLU B 196 -25.94 -23.93 9.83
C GLU B 196 -24.60 -24.11 9.10
N ALA B 197 -23.83 -23.04 8.90
CA ALA B 197 -22.56 -23.18 8.22
C ALA B 197 -21.37 -23.30 9.20
N CYS B 198 -21.62 -23.14 10.49
CA CYS B 198 -20.56 -23.20 11.48
C CYS B 198 -20.24 -24.61 11.94
N ASP B 199 -18.95 -24.91 12.12
CA ASP B 199 -18.48 -26.18 12.71
C ASP B 199 -17.16 -25.97 13.46
N GLU B 200 -16.51 -27.03 13.91
CA GLU B 200 -15.31 -26.84 14.71
C GLU B 200 -14.10 -26.41 13.86
N ASN B 201 -14.28 -26.37 12.53
CA ASN B 201 -13.19 -25.94 11.61
C ASN B 201 -13.31 -24.45 11.24
N THR B 202 -14.32 -23.79 11.80
CA THR B 202 -14.63 -22.38 11.52
C THR B 202 -13.69 -21.46 12.29
N ILE B 203 -12.86 -20.71 11.57
CA ILE B 203 -11.83 -19.89 12.22
C ILE B 203 -12.44 -18.63 12.78
N GLY B 204 -13.64 -18.29 12.30
CA GLY B 204 -14.30 -17.06 12.74
C GLY B 204 -15.45 -16.67 11.84
N VAL B 205 -16.24 -15.70 12.30
CA VAL B 205 -17.35 -15.17 11.52
C VAL B 205 -17.10 -13.67 11.20
N VAL B 206 -17.45 -13.23 9.98
CA VAL B 206 -17.18 -11.88 9.51
C VAL B 206 -18.46 -11.17 9.03
N PRO B 207 -19.12 -10.40 9.91
CA PRO B 207 -20.23 -9.54 9.50
C PRO B 207 -19.66 -8.32 8.82
N THR B 208 -20.40 -7.83 7.83
CA THR B 208 -20.00 -6.65 7.05
C THR B 208 -20.81 -5.46 7.51
N PHE B 209 -20.16 -4.59 8.26
CA PHE B 209 -20.86 -3.48 8.88
C PHE B 209 -20.89 -2.30 7.93
N GLY B 210 -21.72 -2.46 6.89
CA GLY B 210 -21.78 -1.53 5.79
C GLY B 210 -21.51 -2.31 4.52
N VAL B 211 -22.53 -3.02 4.04
CA VAL B 211 -22.41 -3.85 2.84
C VAL B 211 -22.27 -2.98 1.59
N THR B 212 -21.28 -3.28 0.74
CA THR B 212 -21.03 -2.44 -0.44
C THR B 212 -22.19 -2.43 -1.44
N TYR B 213 -22.78 -3.60 -1.71
CA TYR B 213 -23.85 -3.77 -2.72
C TYR B 213 -25.10 -2.94 -2.45
N THR B 214 -25.51 -2.88 -1.19
CA THR B 214 -26.81 -2.29 -0.82
C THR B 214 -26.66 -1.03 0.01
N GLY B 215 -25.58 -0.94 0.82
CA GLY B 215 -25.41 0.19 1.72
C GLY B 215 -25.90 -0.07 3.14
N ASN B 216 -26.45 -1.26 3.40
CA ASN B 216 -27.02 -1.56 4.72
C ASN B 216 -26.07 -2.23 5.69
N TYR B 217 -26.30 -2.03 6.98
CA TYR B 217 -25.48 -2.69 7.99
C TYR B 217 -25.92 -4.16 8.12
N GLU B 218 -24.96 -5.11 8.22
CA GLU B 218 -25.27 -6.37 8.90
C GLU B 218 -25.02 -6.13 10.36
N PHE B 219 -26.04 -6.32 11.19
CA PHE B 219 -25.94 -6.06 12.63
C PHE B 219 -25.29 -7.23 13.36
N PRO B 220 -24.14 -7.02 14.03
CA PRO B 220 -23.47 -8.13 14.75
C PRO B 220 -24.18 -8.64 16.01
N GLN B 221 -25.03 -7.82 16.64
CA GLN B 221 -25.65 -8.27 17.91
C GLN B 221 -26.50 -9.53 17.81
N PRO B 222 -27.49 -9.61 16.91
CA PRO B 222 -28.25 -10.87 16.77
C PRO B 222 -27.36 -12.04 16.39
N LEU B 223 -26.27 -11.79 15.66
CA LEU B 223 -25.36 -12.87 15.25
C LEU B 223 -24.61 -13.32 16.48
N HIS B 224 -24.18 -12.35 17.28
CA HIS B 224 -23.46 -12.64 18.52
C HIS B 224 -24.29 -13.52 19.50
N ASP B 225 -25.60 -13.23 19.58
CA ASP B 225 -26.51 -13.99 20.46
C ASP B 225 -26.54 -15.45 20.03
N ALA B 226 -26.59 -15.67 18.71
CA ALA B 226 -26.59 -17.00 18.16
C ALA B 226 -25.30 -17.73 18.48
N LEU B 227 -24.15 -17.05 18.38
CA LEU B 227 -22.87 -17.72 18.66
C LEU B 227 -22.74 -18.09 20.14
N ASP B 228 -23.28 -17.25 21.03
CA ASP B 228 -23.36 -17.57 22.47
C ASP B 228 -24.16 -18.87 22.71
N LYS B 229 -25.28 -19.01 22.01
CA LYS B 229 -26.14 -20.19 22.15
C LYS B 229 -25.50 -21.41 21.55
N PHE B 230 -24.86 -21.21 20.40
CA PHE B 230 -24.05 -22.25 19.77
C PHE B 230 -23.00 -22.83 20.72
N GLN B 231 -22.29 -21.98 21.46
CA GLN B 231 -21.28 -22.48 22.38
C GLN B 231 -21.93 -23.24 23.56
N ALA B 232 -23.06 -22.74 24.04
CA ALA B 232 -23.83 -23.41 25.11
C ALA B 232 -24.32 -24.78 24.66
N ASP B 233 -24.78 -24.89 23.41
CA ASP B 233 -25.26 -26.16 22.88
C ASP B 233 -24.18 -27.16 22.44
N THR B 234 -23.07 -26.68 21.86
CA THR B 234 -22.08 -27.60 21.27
C THR B 234 -20.70 -27.56 21.91
N GLY B 235 -20.43 -26.52 22.70
CA GLY B 235 -19.08 -26.25 23.21
C GLY B 235 -18.11 -25.58 22.21
N ILE B 236 -18.56 -25.34 20.99
CA ILE B 236 -17.69 -24.72 19.97
C ILE B 236 -17.72 -23.18 20.16
N ASP B 237 -16.52 -22.59 20.38
CA ASP B 237 -16.36 -21.18 20.73
C ASP B 237 -15.87 -20.38 19.49
N ILE B 238 -16.74 -19.61 18.85
CA ILE B 238 -16.34 -18.90 17.62
C ILE B 238 -16.24 -17.36 17.82
N ASP B 239 -15.19 -16.73 17.29
CA ASP B 239 -15.00 -15.24 17.44
C ASP B 239 -15.46 -14.52 16.19
N MET B 240 -15.52 -13.20 16.26
CA MET B 240 -15.85 -12.39 15.09
C MET B 240 -14.71 -11.41 14.72
N HIS B 241 -14.61 -11.12 13.43
CA HIS B 241 -13.88 -9.93 13.00
C HIS B 241 -14.92 -9.04 12.30
N ILE B 242 -15.06 -7.78 12.72
CA ILE B 242 -15.99 -6.92 12.02
C ILE B 242 -15.29 -6.21 10.86
N ASP B 243 -15.78 -6.46 9.63
CA ASP B 243 -15.41 -5.65 8.47
C ASP B 243 -16.24 -4.36 8.44
N ALA B 244 -15.71 -3.31 9.07
CA ALA B 244 -16.38 -2.03 9.25
C ALA B 244 -15.79 -0.96 8.32
N ALA B 245 -15.49 -1.38 7.09
CA ALA B 245 -14.79 -0.55 6.11
C ALA B 245 -15.43 0.85 6.00
N SER B 246 -16.76 0.85 5.84
CA SER B 246 -17.59 2.05 5.88
C SER B 246 -18.10 2.40 7.28
N GLY B 247 -18.89 1.51 7.89
CA GLY B 247 -19.59 1.83 9.14
C GLY B 247 -18.76 2.28 10.32
N GLY B 248 -17.50 1.89 10.33
CA GLY B 248 -16.59 2.20 11.43
C GLY B 248 -16.34 3.67 11.73
N PHE B 249 -16.53 4.54 10.74
CA PHE B 249 -16.42 5.99 10.96
C PHE B 249 -17.75 6.70 10.73
N LEU B 250 -18.86 5.97 10.89
CA LEU B 250 -20.19 6.55 10.76
C LEU B 250 -20.99 6.38 12.08
N ALA B 251 -21.30 5.14 12.39
CA ALA B 251 -22.11 4.79 13.57
C ALA B 251 -21.65 5.40 14.90
N PRO B 252 -20.36 5.47 15.21
CA PRO B 252 -19.91 6.12 16.45
C PRO B 252 -20.38 7.57 16.58
N PHE B 253 -20.60 8.25 15.44
CA PHE B 253 -20.91 9.67 15.50
C PHE B 253 -22.44 9.85 15.42
N VAL B 254 -23.11 9.14 14.52
CA VAL B 254 -24.52 9.36 14.29
C VAL B 254 -25.49 8.28 14.82
N ALA B 255 -24.97 7.20 15.38
CA ALA B 255 -25.84 6.15 15.92
C ALA B 255 -25.10 5.40 17.03
N PRO B 256 -24.72 6.09 18.10
CA PRO B 256 -23.83 5.49 19.09
C PRO B 256 -24.46 4.31 19.88
N ASP B 257 -25.79 4.13 19.79
CA ASP B 257 -26.49 3.10 20.56
C ASP B 257 -26.59 1.74 19.86
N ILE B 258 -26.15 1.67 18.61
CA ILE B 258 -25.97 0.38 17.95
C ILE B 258 -24.76 -0.33 18.59
N VAL B 259 -24.97 -1.55 19.07
CA VAL B 259 -23.90 -2.26 19.71
C VAL B 259 -23.28 -3.21 18.68
N TRP B 260 -22.13 -2.80 18.14
CA TRP B 260 -21.53 -3.47 16.97
C TRP B 260 -20.03 -3.72 17.18
N ASP B 261 -19.44 -3.12 18.20
CA ASP B 261 -17.97 -3.04 18.32
C ASP B 261 -17.43 -3.86 19.47
N PHE B 262 -16.36 -3.38 20.12
CA PHE B 262 -15.73 -4.13 21.21
C PHE B 262 -16.60 -4.29 22.48
N ARG B 263 -17.73 -3.59 22.55
CA ARG B 263 -18.72 -3.85 23.60
C ARG B 263 -19.21 -5.31 23.57
N LEU B 264 -19.12 -5.96 22.41
CA LEU B 264 -19.41 -7.40 22.27
C LEU B 264 -18.17 -8.24 22.50
N PRO B 265 -18.20 -9.14 23.49
CA PRO B 265 -16.98 -9.89 23.87
C PRO B 265 -16.39 -10.78 22.76
N ARG B 266 -17.18 -11.26 21.81
CA ARG B 266 -16.60 -12.12 20.77
C ARG B 266 -15.91 -11.30 19.65
N VAL B 267 -16.08 -9.98 19.66
CA VAL B 267 -15.39 -9.16 18.65
C VAL B 267 -13.94 -9.05 19.07
N LYS B 268 -13.09 -9.83 18.42
CA LYS B 268 -11.67 -9.84 18.75
C LYS B 268 -10.84 -8.85 17.92
N SER B 269 -11.31 -8.48 16.73
CA SER B 269 -10.69 -7.44 15.92
C SER B 269 -11.72 -6.68 15.05
N ILE B 270 -11.39 -5.44 14.65
CA ILE B 270 -12.26 -4.63 13.78
C ILE B 270 -11.32 -3.91 12.80
N SER B 271 -11.71 -3.80 11.53
CA SER B 271 -10.98 -3.02 10.55
C SER B 271 -11.87 -1.93 9.94
N ALA B 272 -11.26 -0.85 9.41
CA ALA B 272 -12.06 0.17 8.72
C ALA B 272 -11.15 0.92 7.71
N SER B 273 -11.75 1.53 6.68
CA SER B 273 -10.96 2.34 5.73
C SER B 273 -11.01 3.82 6.16
N GLY B 274 -9.86 4.38 6.54
CA GLY B 274 -9.73 5.82 6.83
C GLY B 274 -10.10 6.62 5.61
N HIS B 275 -9.74 6.11 4.41
CA HIS B 275 -9.98 6.85 3.18
C HIS B 275 -11.40 6.70 2.61
N LYS B 276 -12.31 5.99 3.31
CA LYS B 276 -13.73 6.13 3.02
C LYS B 276 -14.30 7.21 3.95
N PHE B 277 -15.15 6.84 4.92
CA PHE B 277 -15.78 7.83 5.82
C PHE B 277 -14.94 8.34 6.96
N GLY B 278 -13.70 7.85 7.07
CA GLY B 278 -12.74 8.39 8.02
C GLY B 278 -12.15 9.73 7.58
N LEU B 279 -12.45 10.09 6.35
CA LEU B 279 -12.11 11.42 5.82
C LEU B 279 -10.63 11.60 5.50
N ALA B 280 -9.86 10.52 5.47
CA ALA B 280 -8.45 10.61 5.07
C ALA B 280 -8.31 10.51 3.55
N PRO B 281 -7.19 10.95 2.97
CA PRO B 281 -6.94 10.74 1.52
C PRO B 281 -6.61 9.26 1.22
N LEU B 282 -6.82 8.82 -0.03
CA LEU B 282 -6.60 7.42 -0.39
C LEU B 282 -5.26 6.93 0.14
N GLY B 283 -5.27 5.74 0.76
CA GLY B 283 -4.04 5.15 1.26
C GLY B 283 -3.98 5.04 2.78
N CYS B 284 -5.14 4.90 3.41
CA CYS B 284 -5.19 4.85 4.89
C CYS B 284 -6.27 3.88 5.36
N GLY B 285 -5.88 2.83 6.07
CA GLY B 285 -6.81 1.92 6.74
C GLY B 285 -6.33 1.65 8.16
N TRP B 286 -7.19 1.03 8.97
CA TRP B 286 -6.94 0.74 10.42
C TRP B 286 -7.47 -0.67 10.78
N VAL B 287 -6.72 -1.43 11.56
CA VAL B 287 -7.22 -2.63 12.26
C VAL B 287 -6.79 -2.57 13.76
N ILE B 288 -7.73 -2.85 14.67
CA ILE B 288 -7.50 -2.79 16.11
C ILE B 288 -7.83 -4.18 16.63
N TRP B 289 -7.03 -4.68 17.58
CA TRP B 289 -7.36 -5.97 18.21
C TRP B 289 -7.87 -5.63 19.61
N ARG B 290 -8.75 -6.47 20.17
CA ARG B 290 -9.32 -6.18 21.48
C ARG B 290 -8.31 -6.09 22.64
N ASP B 291 -7.26 -6.91 22.60
CA ASP B 291 -6.16 -6.91 23.59
C ASP B 291 -4.98 -7.69 23.04
N GLU B 292 -3.88 -7.74 23.81
CA GLU B 292 -2.66 -8.46 23.40
C GLU B 292 -2.87 -9.92 23.09
N GLU B 293 -3.75 -10.59 23.83
CA GLU B 293 -4.02 -12.02 23.60
C GLU B 293 -4.69 -12.30 22.26
N ALA B 294 -5.39 -11.32 21.70
CA ALA B 294 -6.07 -11.52 20.42
C ALA B 294 -5.12 -11.53 19.18
N LEU B 295 -3.87 -11.09 19.36
CA LEU B 295 -2.85 -11.04 18.30
C LEU B 295 -1.69 -12.01 18.56
N PRO B 296 -1.66 -13.15 17.88
CA PRO B 296 -0.58 -14.13 18.09
C PRO B 296 0.79 -13.51 17.88
N GLN B 297 1.67 -13.70 18.84
CA GLN B 297 2.98 -13.04 18.86
C GLN B 297 3.88 -13.46 17.71
N GLU B 298 3.69 -14.69 17.22
CA GLU B 298 4.45 -15.24 16.09
C GLU B 298 4.24 -14.48 14.76
N LEU B 299 3.19 -13.67 14.68
CA LEU B 299 2.95 -12.87 13.51
C LEU B 299 3.64 -11.48 13.60
N VAL B 300 4.20 -11.15 14.77
CA VAL B 300 4.72 -9.79 15.03
C VAL B 300 6.25 -9.76 14.84
N PHE B 301 6.74 -8.73 14.12
CA PHE B 301 8.17 -8.47 13.87
C PHE B 301 8.62 -7.18 14.56
N ASN B 302 9.58 -7.28 15.47
CA ASN B 302 9.99 -6.08 16.22
C ASN B 302 11.00 -5.24 15.46
N VAL B 303 10.82 -3.92 15.45
CA VAL B 303 11.84 -3.00 14.94
C VAL B 303 12.34 -2.02 16.00
N ASP B 304 13.53 -1.47 15.77
CA ASP B 304 14.12 -0.46 16.67
C ASP B 304 13.28 0.82 16.75
N TYR B 305 13.08 1.35 17.96
CA TYR B 305 12.42 2.65 18.12
C TYR B 305 12.80 3.36 19.44
N LEU B 306 13.76 4.30 19.35
CA LEU B 306 14.17 5.16 20.47
C LEU B 306 14.59 4.44 21.76
N GLY B 307 15.67 3.66 21.69
CA GLY B 307 16.15 2.91 22.85
C GLY B 307 15.21 1.80 23.33
N GLY B 308 14.14 1.62 22.56
CA GLY B 308 13.13 0.61 22.82
C GLY B 308 12.80 -0.13 21.54
N GLN B 309 11.72 -0.91 21.58
CA GLN B 309 11.27 -1.67 20.44
C GLN B 309 9.76 -1.67 20.33
N ILE B 310 9.32 -1.58 19.07
CA ILE B 310 7.90 -1.51 18.70
C ILE B 310 7.54 -2.75 17.83
N GLY B 311 6.39 -3.35 18.12
CA GLY B 311 5.91 -4.51 17.37
C GLY B 311 5.17 -4.09 16.10
N THR B 312 5.59 -4.56 14.93
CA THR B 312 4.87 -4.30 13.70
C THR B 312 4.19 -5.56 13.13
N PHE B 313 3.08 -5.32 12.42
CA PHE B 313 2.33 -6.34 11.74
C PHE B 313 1.84 -5.69 10.44
N ALA B 314 2.46 -6.08 9.34
CA ALA B 314 2.30 -5.37 8.09
C ALA B 314 2.70 -6.27 6.96
N ILE B 315 1.97 -6.15 5.85
CA ILE B 315 2.33 -6.82 4.62
C ILE B 315 3.22 -5.90 3.77
N ASN B 316 2.78 -4.65 3.56
CA ASN B 316 3.63 -3.62 2.92
C ASN B 316 4.85 -3.29 3.79
N PHE B 317 5.91 -2.77 3.14
CA PHE B 317 7.09 -2.25 3.84
C PHE B 317 7.21 -0.69 3.62
N SER B 318 8.09 -0.18 2.76
CA SER B 318 8.13 1.29 2.52
C SER B 318 6.86 1.82 1.86
N ARG B 319 6.41 2.98 2.33
CA ARG B 319 5.18 3.63 1.83
C ARG B 319 5.07 5.00 2.53
N PRO B 320 4.32 5.95 1.97
CA PRO B 320 4.28 7.31 2.55
C PRO B 320 3.51 7.39 3.88
N ALA B 321 3.92 8.35 4.70
CA ALA B 321 3.32 8.59 6.01
C ALA B 321 2.35 9.76 5.97
N GLY B 322 2.16 10.36 4.80
CA GLY B 322 1.27 11.51 4.72
C GLY B 322 -0.16 11.23 5.17
N GLN B 323 -0.69 10.07 4.82
CA GLN B 323 -2.09 9.79 5.07
C GLN B 323 -2.39 9.65 6.58
N VAL B 324 -1.48 9.08 7.36
CA VAL B 324 -1.73 8.95 8.78
C VAL B 324 -1.63 10.35 9.42
N ILE B 325 -0.73 11.19 8.87
CA ILE B 325 -0.57 12.55 9.34
C ILE B 325 -1.83 13.36 9.04
N ALA B 326 -2.35 13.21 7.82
CA ALA B 326 -3.62 13.82 7.46
C ALA B 326 -4.79 13.29 8.35
N GLN B 327 -4.83 11.98 8.64
CA GLN B 327 -5.88 11.40 9.52
C GLN B 327 -5.83 12.04 10.89
N TYR B 328 -4.62 12.18 11.45
CA TYR B 328 -4.52 12.82 12.76
C TYR B 328 -5.03 14.27 12.73
N TYR B 329 -4.69 15.01 11.68
CA TYR B 329 -5.16 16.41 11.54
C TYR B 329 -6.71 16.44 11.55
N GLU B 330 -7.32 15.53 10.83
CA GLU B 330 -8.79 15.51 10.80
C GLU B 330 -9.35 15.21 12.19
N PHE B 331 -8.73 14.27 12.92
CA PHE B 331 -9.13 13.96 14.30
C PHE B 331 -9.08 15.18 15.21
N LEU B 332 -7.94 15.90 15.21
CA LEU B 332 -7.82 17.13 16.03
C LEU B 332 -8.72 18.29 15.55
N ARG B 333 -8.76 18.51 14.24
CA ARG B 333 -9.47 19.65 13.67
C ARG B 333 -10.99 19.51 13.80
N LEU B 334 -11.51 18.30 13.60
CA LEU B 334 -12.98 18.08 13.65
C LEU B 334 -13.50 17.54 15.01
N GLY B 335 -12.74 16.63 15.61
CA GLY B 335 -13.22 15.87 16.74
C GLY B 335 -14.58 15.20 16.49
N ARG B 336 -15.20 14.74 17.56
CA ARG B 336 -16.47 14.04 17.48
C ARG B 336 -17.52 15.00 16.94
N GLU B 337 -17.44 16.24 17.38
CA GLU B 337 -18.38 17.28 16.98
C GLU B 337 -18.35 17.48 15.47
N GLY B 338 -17.14 17.65 14.91
CA GLY B 338 -16.98 17.91 13.49
C GLY B 338 -17.31 16.74 12.60
N TYR B 339 -16.89 15.54 13.00
CA TYR B 339 -17.27 14.33 12.27
C TYR B 339 -18.77 14.18 12.23
N THR B 340 -19.43 14.40 13.38
CA THR B 340 -20.90 14.33 13.44
C THR B 340 -21.54 15.28 12.40
N LYS B 341 -21.12 16.55 12.37
CA LYS B 341 -21.66 17.52 11.39
C LYS B 341 -21.40 17.11 9.94
N VAL B 342 -20.21 16.62 9.66
CA VAL B 342 -19.90 16.21 8.30
C VAL B 342 -20.73 14.99 7.92
N GLN B 343 -20.82 13.98 8.79
CA GLN B 343 -21.59 12.79 8.40
C GLN B 343 -23.10 13.11 8.27
N ASN B 344 -23.64 13.92 9.18
CA ASN B 344 -25.02 14.41 9.08
C ASN B 344 -25.33 15.04 7.74
N ALA B 345 -24.41 15.86 7.24
CA ALA B 345 -24.60 16.51 5.94
C ALA B 345 -24.78 15.47 4.81
N SER B 346 -23.97 14.41 4.83
CA SER B 346 -24.14 13.29 3.88
C SER B 346 -25.50 12.58 4.02
N TYR B 347 -25.93 12.28 5.26
CA TYR B 347 -27.21 11.60 5.46
C TYR B 347 -28.37 12.51 5.04
N GLN B 348 -28.24 13.80 5.27
CA GLN B 348 -29.27 14.75 4.86
C GLN B 348 -29.43 14.74 3.30
N VAL B 349 -28.31 14.73 2.56
CA VAL B 349 -28.36 14.71 1.11
C VAL B 349 -28.97 13.37 0.61
N ALA B 350 -28.58 12.27 1.24
CA ALA B 350 -29.15 10.96 0.86
C ALA B 350 -30.68 10.88 1.06
N ALA B 351 -31.16 11.38 2.19
CA ALA B 351 -32.60 11.42 2.50
C ALA B 351 -33.38 12.26 1.49
N TYR B 352 -32.83 13.42 1.13
CA TYR B 352 -33.41 14.28 0.10
C TYR B 352 -33.53 13.57 -1.24
N LEU B 353 -32.48 12.84 -1.64
CA LEU B 353 -32.51 12.12 -2.90
C LEU B 353 -33.45 10.91 -2.88
N ALA B 354 -33.48 10.16 -1.77
CA ALA B 354 -34.39 9.01 -1.68
C ALA B 354 -35.87 9.48 -1.77
N ASP B 355 -36.17 10.51 -1.01
CA ASP B 355 -37.46 11.21 -1.02
C ASP B 355 -37.88 11.71 -2.42
N GLU B 356 -36.97 12.33 -3.18
CA GLU B 356 -37.32 12.94 -4.45
C GLU B 356 -37.37 11.93 -5.59
N ILE B 357 -36.47 10.95 -5.54
CA ILE B 357 -36.47 9.96 -6.61
C ILE B 357 -37.73 9.10 -6.54
N ALA B 358 -38.27 8.93 -5.34
CA ALA B 358 -39.46 8.11 -5.08
C ALA B 358 -40.68 8.56 -5.91
N LYS B 359 -40.83 9.87 -6.07
CA LYS B 359 -41.93 10.46 -6.84
C LYS B 359 -41.76 10.34 -8.36
N LEU B 360 -40.61 9.88 -8.85
CA LEU B 360 -40.33 9.89 -10.30
C LEU B 360 -40.58 8.58 -11.05
N GLY B 361 -40.85 7.51 -10.32
CA GLY B 361 -40.96 6.22 -10.99
C GLY B 361 -41.38 5.10 -10.07
N PRO B 362 -41.63 3.92 -10.64
CA PRO B 362 -42.07 2.75 -9.86
C PRO B 362 -40.92 2.04 -9.10
N TYR B 363 -40.42 2.64 -8.02
CA TYR B 363 -39.22 2.12 -7.35
C TYR B 363 -39.44 1.51 -5.97
N GLU B 364 -38.66 0.48 -5.70
CA GLU B 364 -38.61 -0.07 -4.37
C GLU B 364 -37.19 0.16 -3.85
N PHE B 365 -37.11 0.76 -2.66
CA PHE B 365 -35.83 1.12 -2.08
C PHE B 365 -35.33 0.03 -1.16
N ILE B 366 -34.05 -0.27 -1.29
CA ILE B 366 -33.34 -1.19 -0.41
C ILE B 366 -32.53 -0.41 0.64
N CYS B 367 -32.06 0.79 0.27
CA CYS B 367 -31.39 1.69 1.20
C CYS B 367 -31.85 3.13 0.96
N THR B 368 -32.23 3.84 2.03
CA THR B 368 -32.71 5.23 1.90
C THR B 368 -31.88 6.25 2.70
N GLY B 369 -30.70 5.86 3.15
CA GLY B 369 -29.86 6.79 3.88
C GLY B 369 -30.37 7.11 5.27
N ARG B 370 -30.98 6.15 5.98
CA ARG B 370 -31.24 6.32 7.41
C ARG B 370 -29.97 5.92 8.17
N PRO B 371 -29.55 6.75 9.12
CA PRO B 371 -28.35 6.48 9.91
C PRO B 371 -28.46 5.23 10.80
N ASP B 372 -29.67 4.87 11.24
CA ASP B 372 -29.85 3.65 12.05
C ASP B 372 -29.82 2.35 11.22
N GLU B 373 -29.87 2.46 9.89
CA GLU B 373 -29.91 1.28 9.03
C GLU B 373 -28.64 1.01 8.22
N GLY B 374 -27.82 2.02 7.94
CA GLY B 374 -26.67 1.84 7.05
C GLY B 374 -25.98 3.16 6.77
N ILE B 375 -25.31 3.22 5.62
CA ILE B 375 -24.43 4.35 5.24
C ILE B 375 -25.21 5.35 4.38
N PRO B 376 -24.66 6.56 4.11
CA PRO B 376 -25.37 7.56 3.29
C PRO B 376 -25.35 7.20 1.80
N ALA B 377 -26.25 6.29 1.43
CA ALA B 377 -26.33 5.75 0.10
C ALA B 377 -27.82 5.68 -0.22
N VAL B 378 -28.14 5.68 -1.51
CA VAL B 378 -29.50 5.52 -1.97
C VAL B 378 -29.39 4.32 -2.89
N CYS B 379 -30.19 3.28 -2.63
CA CYS B 379 -30.13 2.07 -3.42
C CYS B 379 -31.53 1.56 -3.76
N PHE B 380 -31.81 1.28 -5.03
CA PHE B 380 -33.21 1.01 -5.44
C PHE B 380 -33.34 0.14 -6.69
N LYS B 381 -34.49 -0.48 -6.85
CA LYS B 381 -34.76 -1.32 -8.02
C LYS B 381 -36.10 -0.93 -8.60
N LEU B 382 -36.35 -1.34 -9.84
CA LEU B 382 -37.69 -1.30 -10.41
C LEU B 382 -38.59 -2.25 -9.60
N LYS B 383 -39.81 -1.80 -9.35
CA LYS B 383 -40.82 -2.63 -8.69
C LYS B 383 -41.16 -3.85 -9.54
N ASP B 384 -41.30 -4.99 -8.89
CA ASP B 384 -41.50 -6.30 -9.52
C ASP B 384 -42.63 -6.32 -10.53
N GLY B 385 -42.30 -6.80 -11.74
CA GLY B 385 -43.24 -6.87 -12.83
C GLY B 385 -43.89 -5.54 -13.19
N GLU B 386 -43.07 -4.49 -13.27
CA GLU B 386 -43.42 -3.24 -13.96
C GLU B 386 -42.41 -3.07 -15.08
N ASP B 387 -42.86 -2.50 -16.19
CA ASP B 387 -41.95 -2.10 -17.26
C ASP B 387 -42.32 -0.66 -17.64
N PRO B 388 -41.56 0.32 -17.11
CA PRO B 388 -41.83 1.73 -17.41
C PRO B 388 -41.16 2.13 -18.74
N GLY B 389 -40.60 1.14 -19.45
CA GLY B 389 -40.02 1.34 -20.77
C GLY B 389 -38.53 1.67 -20.79
N TYR B 390 -37.87 1.52 -19.65
CA TYR B 390 -36.41 1.63 -19.55
C TYR B 390 -35.93 0.66 -18.49
N THR B 391 -34.66 0.29 -18.56
CA THR B 391 -34.01 -0.43 -17.46
C THR B 391 -33.12 0.59 -16.73
N LEU B 392 -32.59 0.20 -15.58
CA LEU B 392 -31.72 1.08 -14.80
C LEU B 392 -30.37 1.28 -15.53
N TYR B 393 -30.01 0.33 -16.40
CA TYR B 393 -28.84 0.48 -17.28
C TYR B 393 -28.99 1.66 -18.25
N ASP B 394 -30.18 1.80 -18.84
CA ASP B 394 -30.48 2.89 -19.78
C ASP B 394 -30.36 4.23 -19.05
N LEU B 395 -30.86 4.28 -17.81
CA LEU B 395 -30.78 5.49 -16.98
C LEU B 395 -29.33 5.84 -16.57
N SER B 396 -28.56 4.85 -16.14
CA SER B 396 -27.14 5.04 -15.88
C SER B 396 -26.42 5.64 -17.12
N GLU B 397 -26.76 5.15 -18.32
CA GLU B 397 -26.17 5.64 -19.54
C GLU B 397 -26.52 7.11 -19.87
N ARG B 398 -27.78 7.51 -19.69
CA ARG B 398 -28.16 8.91 -19.91
C ARG B 398 -27.45 9.87 -18.94
N LEU B 399 -27.29 9.45 -17.69
CA LEU B 399 -26.64 10.26 -16.69
C LEU B 399 -25.15 10.47 -17.03
N ARG B 400 -24.53 9.49 -17.68
CA ARG B 400 -23.12 9.57 -18.12
C ARG B 400 -22.85 10.70 -19.15
N LEU B 401 -23.86 11.02 -19.97
CA LEU B 401 -23.76 12.13 -20.96
C LEU B 401 -23.44 13.48 -20.33
N ARG B 402 -23.76 13.60 -19.04
CA ARG B 402 -23.50 14.80 -18.26
C ARG B 402 -22.32 14.66 -17.32
N GLY B 403 -21.61 13.52 -17.40
CA GLY B 403 -20.36 13.30 -16.68
C GLY B 403 -20.50 12.53 -15.36
N TRP B 404 -21.72 12.19 -14.97
CA TRP B 404 -21.99 11.46 -13.73
C TRP B 404 -21.68 9.98 -13.90
N GLN B 405 -21.01 9.38 -12.92
CA GLN B 405 -20.91 7.92 -12.83
C GLN B 405 -21.85 7.40 -11.73
N VAL B 406 -22.99 6.81 -12.14
CA VAL B 406 -23.98 6.26 -11.20
C VAL B 406 -24.24 4.80 -11.65
N PRO B 407 -23.69 3.83 -10.91
CA PRO B 407 -23.68 2.43 -11.35
C PRO B 407 -25.04 1.73 -11.22
N ALA B 408 -25.35 0.88 -12.20
CA ALA B 408 -26.42 -0.10 -12.12
C ALA B 408 -25.76 -1.47 -12.28
N PHE B 409 -26.19 -2.46 -11.49
CA PHE B 409 -25.53 -3.76 -11.49
C PHE B 409 -26.50 -4.79 -10.90
N THR B 410 -26.28 -6.06 -11.19
CA THR B 410 -27.08 -7.16 -10.58
C THR B 410 -26.50 -7.51 -9.22
N LEU B 411 -27.36 -8.01 -8.31
CA LEU B 411 -26.89 -8.53 -7.02
C LEU B 411 -26.34 -9.96 -7.23
N GLY B 412 -25.62 -10.50 -6.25
CA GLY B 412 -25.11 -11.86 -6.34
C GLY B 412 -25.99 -12.92 -5.66
N GLY B 413 -25.38 -14.06 -5.32
CA GLY B 413 -26.06 -15.16 -4.63
C GLY B 413 -27.25 -15.71 -5.41
N GLU B 414 -28.40 -15.75 -4.74
CA GLU B 414 -29.67 -16.14 -5.37
C GLU B 414 -30.50 -14.90 -5.77
N ALA B 415 -29.86 -13.72 -5.80
CA ALA B 415 -30.53 -12.48 -6.21
C ALA B 415 -29.98 -11.92 -7.54
N THR B 416 -29.46 -12.81 -8.42
CA THR B 416 -28.85 -12.36 -9.67
C THR B 416 -29.87 -11.86 -10.71
N ASP B 417 -31.15 -12.07 -10.40
CA ASP B 417 -32.25 -11.53 -11.20
C ASP B 417 -32.47 -10.03 -10.99
N ILE B 418 -31.93 -9.48 -9.91
CA ILE B 418 -32.29 -8.16 -9.44
C ILE B 418 -31.24 -7.15 -9.87
N VAL B 419 -31.68 -6.13 -10.60
CA VAL B 419 -30.83 -5.02 -11.01
C VAL B 419 -31.10 -3.86 -10.06
N VAL B 420 -30.06 -3.35 -9.41
CA VAL B 420 -30.18 -2.13 -8.61
C VAL B 420 -29.30 -0.96 -9.15
N MET B 421 -29.64 0.26 -8.72
CA MET B 421 -28.84 1.44 -8.94
C MET B 421 -28.46 1.97 -7.57
N ARG B 422 -27.21 2.41 -7.41
CA ARG B 422 -26.74 2.85 -6.09
C ARG B 422 -26.07 4.24 -6.22
N ILE B 423 -26.50 5.17 -5.38
CA ILE B 423 -25.86 6.47 -5.36
C ILE B 423 -25.17 6.65 -4.01
N MET B 424 -23.87 6.93 -4.03
CA MET B 424 -23.11 7.18 -2.80
C MET B 424 -23.09 8.67 -2.49
N CYS B 425 -23.33 9.08 -1.23
CA CYS B 425 -23.28 10.49 -0.84
C CYS B 425 -22.07 10.78 0.05
N ARG B 426 -20.99 11.30 -0.52
CA ARG B 426 -19.76 11.49 0.22
C ARG B 426 -19.59 12.96 0.63
N ARG B 427 -18.59 13.24 1.46
CA ARG B 427 -18.15 14.62 1.65
C ARG B 427 -17.85 15.29 0.27
N GLY B 428 -18.31 16.53 0.10
CA GLY B 428 -18.16 17.24 -1.17
C GLY B 428 -19.24 16.89 -2.20
N PHE B 429 -20.36 16.37 -1.72
CA PHE B 429 -21.53 16.21 -2.55
C PHE B 429 -22.65 16.94 -1.84
N GLU B 430 -22.58 18.26 -1.89
CA GLU B 430 -23.42 19.14 -1.06
C GLU B 430 -24.84 19.20 -1.65
N MET B 431 -25.82 19.63 -0.85
CA MET B 431 -27.20 19.76 -1.32
C MET B 431 -27.35 20.43 -2.71
N ASP B 432 -26.71 21.58 -2.93
CA ASP B 432 -26.86 22.26 -4.22
C ASP B 432 -26.42 21.41 -5.43
N PHE B 433 -25.38 20.61 -5.21
CA PHE B 433 -24.76 19.77 -6.21
C PHE B 433 -25.64 18.55 -6.45
N ALA B 434 -26.22 18.05 -5.37
CA ALA B 434 -27.24 16.99 -5.44
C ALA B 434 -28.48 17.41 -6.25
N GLU B 435 -28.92 18.63 -6.03
CA GLU B 435 -30.06 19.18 -6.78
C GLU B 435 -29.78 19.10 -8.30
N LEU B 436 -28.53 19.36 -8.70
CA LEU B 436 -28.16 19.28 -10.11
C LEU B 436 -28.29 17.85 -10.68
N LEU B 437 -27.81 16.87 -9.92
CA LEU B 437 -27.99 15.47 -10.31
C LEU B 437 -29.48 15.19 -10.49
N LEU B 438 -30.30 15.67 -9.56
CA LEU B 438 -31.75 15.43 -9.62
C LEU B 438 -32.39 16.04 -10.89
N GLU B 439 -32.00 17.27 -11.25
CA GLU B 439 -32.42 17.85 -12.53
C GLU B 439 -32.07 16.97 -13.71
N ASP B 440 -30.89 16.33 -13.65
CA ASP B 440 -30.43 15.50 -14.75
C ASP B 440 -31.19 14.17 -14.78
N TYR B 441 -31.63 13.74 -13.61
CA TYR B 441 -32.43 12.53 -13.48
C TYR B 441 -33.82 12.78 -14.09
N LYS B 442 -34.45 13.89 -13.77
CA LYS B 442 -35.74 14.26 -14.34
C LYS B 442 -35.66 14.39 -15.85
N ALA B 443 -34.61 15.03 -16.35
CA ALA B 443 -34.42 15.21 -17.79
C ALA B 443 -34.12 13.91 -18.52
N SER B 444 -33.36 13.02 -17.87
CA SER B 444 -33.10 11.71 -18.45
C SER B 444 -34.41 10.89 -18.61
N LEU B 445 -35.31 10.95 -17.61
CA LEU B 445 -36.57 10.23 -17.66
C LEU B 445 -37.51 10.78 -18.77
N LYS B 446 -37.55 12.10 -18.92
CA LYS B 446 -38.26 12.76 -20.01
C LYS B 446 -37.83 12.21 -21.36
N TYR B 447 -36.52 12.20 -21.58
CA TYR B 447 -35.97 11.62 -22.80
C TYR B 447 -36.41 10.16 -23.02
N LEU B 448 -36.28 9.33 -21.98
CA LEU B 448 -36.56 7.90 -22.11
C LEU B 448 -38.04 7.56 -22.36
N SER B 449 -38.94 8.36 -21.79
CA SER B 449 -40.39 8.21 -21.99
C SER B 449 -40.83 8.72 -23.37
N ASP B 450 -39.93 9.38 -24.09
CA ASP B 450 -40.16 9.87 -25.45
C ASP B 450 -39.49 9.00 -26.52
N HIS B 451 -38.61 8.08 -26.12
CA HIS B 451 -37.88 7.24 -27.07
C HIS B 451 -37.80 5.80 -26.52
N PRO B 452 -38.94 5.12 -26.37
CA PRO B 452 -38.97 3.85 -25.63
C PRO B 452 -38.65 2.63 -26.52
#